data_4XR5
#
_entry.id   4XR5
#
_cell.length_a   114.942
_cell.length_b   171.213
_cell.length_c   45.343
_cell.angle_alpha   90.000
_cell.angle_beta   90.000
_cell.angle_gamma   90.000
#
_symmetry.space_group_name_H-M   'P 21 21 2'
#
loop_
_entity.id
_entity.type
_entity.pdbx_description
1 polymer 'Thymidine phosphorylase'
2 non-polymer 'TRIETHYLENE GLYCOL'
3 non-polymer 'CHLORIDE ION'
4 non-polymer DI(HYDROXYETHYL)ETHER
5 water water
#
_entity_poly.entity_id   1
_entity_poly.type   'polypeptide(L)'
_entity_poly.pdbx_seq_one_letter_code
;MFLAQEIIRKKRDGHALSDEEIRFFINGIRDNTISEGQIAALAMTIFFHDMTMPERVSLTMAMRDSGTVLDWKSLNLNGP
IVDKHSTGGVGDVTSLMLGPMVAACGGYVPMISGRGLGHTGGTLDKLEAIPGFDIFPDDNRFREIIQDVGVAIIGQTSSL
APADKRFYATRDITATVDSIPLITGSILAKKLAEGLDALVMDVKVGSGAFMPTYELSEALAEAIVGVANGAGVRTTALLT
DMNQVLASSAGNAVEVREAVQFLTGEYRNPRLFDVTMALCVEMLISGQLAKDDAEARAKLQAVLDNGKAAEVFGRMVAAQ
KGPSDFVENYDKYLPTAMLSKAVYADTEGFISAMDTRALGMAVVSMGGGRRQASDTIDYSVGFTDMARLGDSIDGQRPLA
VIHAKDEASWQEAAKAVKAAIILDDKAPASTPSVYRRITE
;
_entity_poly.pdbx_strand_id   A,B
#
loop_
_chem_comp.id
_chem_comp.type
_chem_comp.name
_chem_comp.formula
CL non-polymer 'CHLORIDE ION' 'Cl -1'
PEG non-polymer DI(HYDROXYETHYL)ETHER 'C4 H10 O3'
PGE non-polymer 'TRIETHYLENE GLYCOL' 'C6 H14 O4'
#
# COMPACT_ATOMS: atom_id res chain seq x y z
N MET A 1 8.48 8.56 11.21
CA MET A 1 8.12 7.43 12.06
C MET A 1 6.81 6.76 11.62
N PHE A 2 6.26 5.96 12.50
CA PHE A 2 5.12 5.09 12.21
C PHE A 2 3.77 5.65 12.71
N LEU A 3 3.79 6.95 12.99
CA LEU A 3 2.60 7.77 12.76
C LEU A 3 1.98 7.47 11.36
N ALA A 4 2.82 7.16 10.37
CA ALA A 4 2.35 6.87 8.99
C ALA A 4 1.20 5.85 8.94
N GLN A 5 1.41 4.71 9.57
CA GLN A 5 0.37 3.69 9.60
C GLN A 5 -0.95 4.20 10.15
N GLU A 6 -0.89 5.17 11.06
CA GLU A 6 -2.09 5.76 11.64
C GLU A 6 -2.82 6.69 10.67
N ILE A 7 -2.05 7.37 9.82
CA ILE A 7 -2.62 8.22 8.78
C ILE A 7 -3.24 7.36 7.70
N ILE A 8 -2.57 6.26 7.40
CA ILE A 8 -3.15 5.27 6.52
C ILE A 8 -4.48 4.79 7.10
N ARG A 9 -4.46 4.34 8.36
CA ARG A 9 -5.65 3.81 9.01
C ARG A 9 -6.79 4.84 8.96
N LYS A 10 -6.41 6.09 9.20
CA LYS A 10 -7.36 7.21 9.16
C LYS A 10 -8.00 7.39 7.78
N LYS A 11 -7.21 7.32 6.71
CA LYS A 11 -7.72 7.49 5.36
C LYS A 11 -8.57 6.28 4.98
N ARG A 12 -8.08 5.11 5.34
CA ARG A 12 -8.78 3.84 5.14
C ARG A 12 -10.21 3.81 5.63
N ASP A 13 -10.42 4.39 6.81
CA ASP A 13 -11.73 4.36 7.44
C ASP A 13 -12.61 5.47 6.93
N GLY A 14 -12.09 6.22 5.98
CA GLY A 14 -12.93 7.15 5.26
C GLY A 14 -12.87 8.54 5.83
N HIS A 15 -11.84 8.78 6.62
CA HIS A 15 -11.63 10.11 7.18
C HIS A 15 -10.71 10.91 6.26
N ALA A 16 -11.10 12.15 5.98
CA ALA A 16 -10.24 13.06 5.26
C ALA A 16 -8.96 13.36 6.03
N LEU A 17 -7.83 13.37 5.34
CA LEU A 17 -6.56 13.76 5.95
C LEU A 17 -6.41 15.27 6.00
N SER A 18 -5.59 15.76 6.93
CA SER A 18 -5.41 17.19 7.11
C SER A 18 -4.16 17.63 6.36
N ASP A 19 -3.91 18.94 6.36
CA ASP A 19 -2.75 19.46 5.66
C ASP A 19 -1.47 19.07 6.36
N GLU A 20 -1.49 19.07 7.69
CA GLU A 20 -0.30 18.70 8.44
C GLU A 20 0.01 17.23 8.20
N GLU A 21 -1.04 16.40 8.20
CA GLU A 21 -0.90 14.96 8.06
C GLU A 21 -0.40 14.58 6.67
N ILE A 22 -0.90 15.28 5.66
CA ILE A 22 -0.50 15.04 4.27
C ILE A 22 0.94 15.49 4.05
N ARG A 23 1.27 16.66 4.58
CA ARG A 23 2.64 17.15 4.50
C ARG A 23 3.59 16.18 5.17
N PHE A 24 3.24 15.71 6.36
CA PHE A 24 4.09 14.76 7.07
C PHE A 24 4.40 13.58 6.17
N PHE A 25 3.36 12.96 5.65
CA PHE A 25 3.52 11.75 4.87
C PHE A 25 4.33 11.99 3.60
N ILE A 26 4.09 13.13 2.93
CA ILE A 26 4.79 13.40 1.67
C ILE A 26 6.25 13.58 1.95
N ASN A 27 6.53 14.29 3.03
CA ASN A 27 7.91 14.55 3.39
C ASN A 27 8.52 13.24 3.82
N GLY A 28 7.68 12.37 4.35
CA GLY A 28 8.10 11.04 4.73
C GLY A 28 8.60 10.26 3.53
N ILE A 29 7.93 10.44 2.40
CA ILE A 29 8.29 9.75 1.15
C ILE A 29 9.62 10.24 0.59
N ARG A 30 9.78 11.55 0.56
CA ARG A 30 11.02 12.13 0.10
C ARG A 30 12.17 11.61 0.96
N ASP A 31 12.00 11.66 2.27
CA ASP A 31 13.09 11.37 3.19
C ASP A 31 13.26 9.89 3.49
N ASN A 32 12.46 9.05 2.84
CA ASN A 32 12.56 7.61 2.99
C ASN A 32 12.38 7.14 4.41
N THR A 33 11.55 7.85 5.16
CA THR A 33 11.14 7.42 6.50
C THR A 33 9.97 6.46 6.39
N ILE A 34 9.28 6.55 5.26
CA ILE A 34 8.07 5.79 4.98
C ILE A 34 8.29 4.75 3.86
N SER A 35 7.97 3.50 4.17
CA SER A 35 8.23 2.40 3.24
C SER A 35 7.29 2.36 2.05
N GLU A 36 7.74 1.68 1.01
CA GLU A 36 6.97 1.46 -0.20
C GLU A 36 5.62 0.81 0.11
N GLY A 37 5.59 -0.09 1.09
CA GLY A 37 4.34 -0.72 1.45
C GLY A 37 3.40 0.30 2.05
N GLN A 38 3.95 1.24 2.81
CA GLN A 38 3.12 2.27 3.40
C GLN A 38 2.63 3.22 2.31
N ILE A 39 3.52 3.47 1.36
CA ILE A 39 3.19 4.24 0.16
C ILE A 39 2.06 3.58 -0.65
N ALA A 40 2.20 2.30 -0.92
CA ALA A 40 1.17 1.54 -1.60
C ALA A 40 -0.20 1.61 -0.88
N ALA A 41 -0.18 1.41 0.43
CA ALA A 41 -1.42 1.33 1.19
C ALA A 41 -2.22 2.63 1.11
N LEU A 42 -1.52 3.75 1.25
CA LEU A 42 -2.17 5.03 1.27
C LEU A 42 -2.76 5.33 -0.11
N ALA A 43 -1.96 5.04 -1.14
CA ALA A 43 -2.39 5.20 -2.51
C ALA A 43 -3.68 4.43 -2.74
N MET A 44 -3.70 3.17 -2.29
CA MET A 44 -4.89 2.33 -2.42
C MET A 44 -6.08 2.91 -1.67
N THR A 45 -5.86 3.41 -0.46
CA THR A 45 -6.96 3.98 0.31
C THR A 45 -7.50 5.23 -0.38
N ILE A 46 -6.65 5.90 -1.15
CA ILE A 46 -7.08 7.08 -1.91
C ILE A 46 -7.80 6.72 -3.22
N PHE A 47 -7.42 5.61 -3.84
CA PHE A 47 -8.18 5.08 -4.97
C PHE A 47 -9.64 4.91 -4.61
N PHE A 48 -9.89 4.25 -3.48
CA PHE A 48 -11.25 3.94 -3.05
C PHE A 48 -11.99 5.15 -2.50
N HIS A 49 -11.37 5.85 -1.55
CA HIS A 49 -12.05 6.92 -0.83
C HIS A 49 -12.05 8.24 -1.56
N ASP A 50 -11.15 8.37 -2.52
CA ASP A 50 -10.87 9.62 -3.20
C ASP A 50 -10.45 10.70 -2.18
N MET A 51 -10.67 11.96 -2.56
CA MET A 51 -10.19 13.09 -1.78
C MET A 51 -11.02 14.31 -2.07
N THR A 52 -11.29 15.09 -1.03
CA THR A 52 -12.04 16.34 -1.15
C THR A 52 -11.14 17.41 -1.75
N MET A 53 -11.72 18.48 -2.27
CA MET A 53 -10.93 19.56 -2.85
C MET A 53 -9.81 20.00 -1.90
N PRO A 54 -10.12 20.18 -0.60
CA PRO A 54 -9.00 20.55 0.28
C PRO A 54 -7.89 19.50 0.38
N GLU A 55 -8.26 18.23 0.51
CA GLU A 55 -7.26 17.18 0.52
C GLU A 55 -6.42 17.23 -0.75
N ARG A 56 -7.04 17.62 -1.87
CA ARG A 56 -6.37 17.59 -3.17
C ARG A 56 -5.31 18.67 -3.22
N VAL A 57 -5.71 19.85 -2.77
CA VAL A 57 -4.82 20.99 -2.71
C VAL A 57 -3.66 20.68 -1.77
N SER A 58 -3.98 20.21 -0.57
CA SER A 58 -2.95 19.82 0.37
C SER A 58 -1.95 18.84 -0.27
N LEU A 59 -2.48 17.84 -0.96
CA LEU A 59 -1.63 16.85 -1.62
C LEU A 59 -0.70 17.48 -2.65
N THR A 60 -1.26 18.33 -3.50
CA THR A 60 -0.42 18.95 -4.50
C THR A 60 0.63 19.85 -3.85
N MET A 61 0.21 20.78 -3.00
CA MET A 61 1.13 21.76 -2.43
C MET A 61 2.15 21.13 -1.49
N ALA A 62 1.82 19.99 -0.89
CA ALA A 62 2.82 19.29 -0.08
C ALA A 62 3.89 18.73 -1.01
N MET A 63 3.48 18.09 -2.11
CA MET A 63 4.43 17.53 -3.08
C MET A 63 5.30 18.59 -3.73
N ARG A 64 4.69 19.72 -4.07
CA ARG A 64 5.43 20.84 -4.62
C ARG A 64 6.52 21.28 -3.66
N ASP A 65 6.15 21.42 -2.38
CA ASP A 65 7.07 21.95 -1.40
C ASP A 65 8.09 20.93 -0.95
N SER A 66 7.94 19.68 -1.36
CA SER A 66 8.85 18.61 -0.93
C SER A 66 10.24 18.83 -1.47
N GLY A 67 10.31 19.51 -2.61
CA GLY A 67 11.56 19.89 -3.24
C GLY A 67 11.84 21.38 -3.15
N THR A 68 12.60 21.89 -4.12
CA THR A 68 12.84 23.32 -4.19
C THR A 68 11.70 24.01 -4.94
N VAL A 69 11.35 25.23 -4.53
CA VAL A 69 10.34 26.01 -5.23
C VAL A 69 10.90 27.35 -5.73
N LEU A 70 10.59 27.70 -6.98
CA LEU A 70 11.17 28.88 -7.63
C LEU A 70 10.49 30.19 -7.26
N ASP A 71 11.31 31.23 -7.07
CA ASP A 71 10.80 32.56 -6.73
C ASP A 71 11.35 33.69 -7.62
N TRP A 72 10.49 34.25 -8.46
CA TRP A 72 10.93 35.26 -9.44
C TRP A 72 10.61 36.69 -9.03
N LYS A 73 10.04 36.83 -7.83
CA LYS A 73 9.68 38.15 -7.31
C LYS A 73 10.94 38.98 -7.14
N SER A 74 12.05 38.29 -6.88
CA SER A 74 13.36 38.91 -6.72
C SER A 74 13.80 39.71 -7.94
N LEU A 75 13.52 39.18 -9.13
CA LEU A 75 14.08 39.74 -10.36
C LEU A 75 13.34 40.95 -10.90
N ASN A 76 12.24 41.32 -10.25
CA ASN A 76 11.38 42.41 -10.70
C ASN A 76 11.23 42.41 -12.22
N LEU A 77 10.58 41.37 -12.74
CA LEU A 77 10.37 41.26 -14.18
C LEU A 77 9.15 42.06 -14.60
N ASN A 78 9.19 42.59 -15.82
CA ASN A 78 8.14 43.45 -16.33
C ASN A 78 6.74 42.82 -16.47
N GLY A 79 6.65 41.51 -16.34
CA GLY A 79 5.41 40.80 -16.62
C GLY A 79 5.26 39.51 -15.81
N PRO A 80 4.18 38.78 -16.07
CA PRO A 80 3.77 37.63 -15.25
C PRO A 80 4.62 36.40 -15.52
N ILE A 81 4.77 35.50 -14.55
CA ILE A 81 5.42 34.22 -14.77
C ILE A 81 4.36 33.20 -15.18
N VAL A 82 4.43 32.70 -16.41
CA VAL A 82 3.38 31.80 -16.93
C VAL A 82 3.98 30.54 -17.57
N ASP A 83 3.15 29.50 -17.72
CA ASP A 83 3.52 28.27 -18.43
C ASP A 83 2.27 27.55 -18.99
N LYS A 84 2.48 26.62 -19.91
CA LYS A 84 1.45 25.67 -20.29
C LYS A 84 1.86 24.29 -19.84
N HIS A 85 0.88 23.50 -19.41
CA HIS A 85 1.10 22.07 -19.32
C HIS A 85 0.07 21.31 -20.14
N SER A 86 0.48 20.12 -20.55
CA SER A 86 -0.31 19.25 -21.43
C SER A 86 -0.24 17.82 -20.93
N THR A 87 -1.33 17.07 -21.08
CA THR A 87 -1.32 15.61 -20.80
C THR A 87 -0.56 14.81 -21.89
N GLY A 88 -0.29 15.42 -23.04
CA GLY A 88 0.50 14.79 -24.09
C GLY A 88 -0.30 14.33 -25.29
N GLY A 89 0.39 14.04 -26.39
CA GLY A 89 -0.26 13.55 -27.59
C GLY A 89 0.77 13.21 -28.64
N VAL A 90 0.32 12.83 -29.84
CA VAL A 90 1.26 12.60 -30.93
C VAL A 90 1.26 13.82 -31.83
N GLY A 91 2.47 14.31 -32.15
CA GLY A 91 2.59 15.54 -32.92
C GLY A 91 1.99 16.73 -32.20
N ASP A 92 2.05 16.71 -30.88
CA ASP A 92 1.62 17.88 -30.16
C ASP A 92 2.89 18.65 -29.84
N VAL A 93 3.18 19.63 -30.67
CA VAL A 93 4.42 20.38 -30.59
C VAL A 93 4.23 21.79 -30.06
N THR A 94 3.00 22.13 -29.69
CA THR A 94 2.58 23.51 -29.37
C THR A 94 3.52 24.33 -28.48
N SER A 95 4.12 23.66 -27.50
CA SER A 95 5.01 24.34 -26.54
C SER A 95 6.08 25.12 -27.28
N LEU A 96 6.59 24.55 -28.35
CA LEU A 96 7.73 25.14 -29.06
C LEU A 96 7.40 26.50 -29.67
N MET A 97 6.17 26.70 -30.12
CA MET A 97 5.79 28.00 -30.66
C MET A 97 5.14 28.88 -29.60
N LEU A 98 4.65 28.24 -28.53
CA LEU A 98 3.87 28.92 -27.49
C LEU A 98 4.75 29.71 -26.52
N GLY A 99 5.83 29.07 -26.07
CA GLY A 99 6.77 29.72 -25.19
C GLY A 99 7.27 30.99 -25.82
N PRO A 100 7.90 30.90 -27.01
CA PRO A 100 8.27 32.07 -27.81
C PRO A 100 7.14 33.07 -28.06
N MET A 101 5.94 32.59 -28.39
CA MET A 101 4.83 33.49 -28.69
C MET A 101 4.45 34.32 -27.48
N VAL A 102 4.23 33.65 -26.36
CA VAL A 102 3.86 34.32 -25.13
C VAL A 102 4.99 35.24 -24.68
N ALA A 103 6.22 34.74 -24.82
CA ALA A 103 7.43 35.46 -24.44
C ALA A 103 7.60 36.70 -25.27
N ALA A 104 7.20 36.61 -26.53
CA ALA A 104 7.27 37.76 -27.41
C ALA A 104 6.11 38.70 -27.15
N CYS A 105 5.14 38.26 -26.36
CA CYS A 105 4.04 39.12 -25.96
C CYS A 105 4.21 39.69 -24.56
N GLY A 106 5.33 39.39 -23.92
CA GLY A 106 5.68 40.01 -22.66
C GLY A 106 5.51 39.14 -21.44
N GLY A 107 5.20 37.87 -21.64
CA GLY A 107 5.14 36.95 -20.51
C GLY A 107 6.52 36.44 -20.24
N TYR A 108 6.69 35.74 -19.13
CA TYR A 108 7.92 35.03 -18.86
C TYR A 108 7.63 33.55 -18.60
N VAL A 109 8.32 32.70 -19.35
CA VAL A 109 7.94 31.31 -19.49
C VAL A 109 9.07 30.38 -19.08
N PRO A 110 9.09 30.00 -17.79
CA PRO A 110 10.12 29.12 -17.25
C PRO A 110 9.73 27.66 -17.41
N MET A 111 9.80 27.15 -18.62
CA MET A 111 9.16 25.88 -18.90
C MET A 111 10.11 24.72 -18.62
N ILE A 112 9.85 24.06 -17.49
CA ILE A 112 10.61 22.89 -17.04
C ILE A 112 9.84 21.64 -17.44
N SER A 113 10.42 20.87 -18.34
CA SER A 113 9.68 19.91 -19.15
C SER A 113 10.28 18.52 -18.93
N GLY A 114 9.90 17.56 -19.76
CA GLY A 114 10.32 16.19 -19.54
C GLY A 114 10.59 15.38 -20.78
N ARG A 115 11.00 14.14 -20.53
CA ARG A 115 11.32 13.19 -21.58
C ARG A 115 10.11 12.35 -21.92
N GLY A 116 10.01 12.00 -23.21
CA GLY A 116 8.85 11.30 -23.74
C GLY A 116 8.41 10.04 -23.02
N LEU A 117 7.14 10.01 -22.64
CA LEU A 117 6.57 8.85 -21.96
C LEU A 117 5.80 7.99 -22.97
N GLY A 118 6.40 6.85 -23.31
CA GLY A 118 5.79 5.96 -24.28
C GLY A 118 5.50 6.62 -25.60
N HIS A 119 4.28 6.42 -26.07
CA HIS A 119 3.89 6.84 -27.42
C HIS A 119 3.85 8.36 -27.60
N THR A 120 3.53 9.08 -26.52
CA THR A 120 3.59 10.53 -26.59
C THR A 120 5.04 10.92 -26.69
N GLY A 121 5.29 12.14 -27.16
CA GLY A 121 6.66 12.61 -27.31
C GLY A 121 7.09 13.42 -26.12
N GLY A 122 8.40 13.59 -25.93
CA GLY A 122 8.87 14.58 -24.98
C GLY A 122 9.25 15.87 -25.68
N THR A 123 9.13 17.00 -25.00
CA THR A 123 9.56 18.27 -25.61
C THR A 123 11.07 18.33 -25.55
N LEU A 124 11.62 17.88 -24.42
CA LEU A 124 13.06 17.83 -24.26
C LEU A 124 13.71 16.99 -25.34
N ASP A 125 13.10 15.84 -25.63
CA ASP A 125 13.63 14.92 -26.66
C ASP A 125 13.65 15.59 -28.01
N LYS A 126 12.60 16.34 -28.32
CA LYS A 126 12.53 17.07 -29.59
C LYS A 126 13.65 18.12 -29.68
N LEU A 127 13.86 18.85 -28.59
CA LEU A 127 14.87 19.93 -28.58
C LEU A 127 16.28 19.38 -28.60
N GLU A 128 16.45 18.14 -28.16
CA GLU A 128 17.77 17.55 -28.18
C GLU A 128 18.16 17.13 -29.59
N ALA A 129 17.21 17.25 -30.53
CA ALA A 129 17.54 17.07 -31.93
C ALA A 129 18.32 18.28 -32.46
N ILE A 130 18.14 19.44 -31.82
CA ILE A 130 18.94 20.61 -32.15
C ILE A 130 20.33 20.38 -31.58
N PRO A 131 21.37 20.50 -32.42
CA PRO A 131 22.76 20.25 -32.01
C PRO A 131 23.29 21.28 -31.01
N GLY A 132 23.91 20.83 -29.91
CA GLY A 132 24.46 21.74 -28.91
C GLY A 132 23.47 22.19 -27.83
N PHE A 133 22.19 21.82 -27.97
CA PHE A 133 21.17 22.30 -27.04
C PHE A 133 21.41 21.81 -25.61
N ASP A 134 21.38 22.74 -24.66
CA ASP A 134 21.53 22.41 -23.24
C ASP A 134 20.20 22.58 -22.50
N ILE A 135 19.62 21.46 -22.07
CA ILE A 135 18.37 21.49 -21.32
C ILE A 135 18.65 21.56 -19.82
N PHE A 136 19.93 21.63 -19.45
CA PHE A 136 20.33 21.69 -18.05
C PHE A 136 21.28 22.83 -17.74
N PRO A 137 20.85 24.08 -17.93
CA PRO A 137 21.75 25.17 -17.51
C PRO A 137 21.78 25.35 -15.99
N ASP A 138 22.86 25.93 -15.46
CA ASP A 138 22.87 26.27 -14.03
C ASP A 138 21.76 27.29 -13.73
N ASP A 139 21.21 27.22 -12.53
CA ASP A 139 19.94 27.92 -12.19
C ASP A 139 19.94 29.40 -12.46
N ASN A 140 21.14 29.95 -12.40
CA ASN A 140 21.48 31.35 -12.56
C ASN A 140 21.62 31.83 -14.00
N ARG A 141 22.25 30.99 -14.83
CA ARG A 141 22.13 31.11 -16.27
C ARG A 141 20.65 31.06 -16.67
N PHE A 142 19.95 30.12 -16.06
CA PHE A 142 18.53 29.92 -16.33
C PHE A 142 17.76 31.22 -16.09
N ARG A 143 18.13 31.95 -15.04
CA ARG A 143 17.49 33.21 -14.67
C ARG A 143 17.88 34.31 -15.64
N GLU A 144 19.12 34.26 -16.15
CA GLU A 144 19.57 35.16 -17.20
C GLU A 144 18.74 35.06 -18.46
N ILE A 145 18.63 33.84 -18.98
CA ILE A 145 17.85 33.58 -20.17
C ILE A 145 16.41 34.09 -20.02
N ILE A 146 15.74 33.67 -18.94
CA ILE A 146 14.37 34.10 -18.71
C ILE A 146 14.25 35.61 -18.83
N GLN A 147 15.13 36.31 -18.14
CA GLN A 147 15.13 37.76 -18.16
C GLN A 147 15.49 38.36 -19.54
N ASP A 148 16.55 37.83 -20.16
CA ASP A 148 17.05 38.39 -21.42
C ASP A 148 16.26 37.93 -22.67
N VAL A 149 15.75 36.70 -22.62
CA VAL A 149 15.03 36.04 -23.74
C VAL A 149 13.52 36.09 -23.49
N GLY A 150 13.12 35.57 -22.33
CA GLY A 150 11.72 35.55 -21.92
C GLY A 150 11.12 34.17 -21.83
N VAL A 151 11.87 33.18 -22.31
CA VAL A 151 11.47 31.77 -22.24
C VAL A 151 12.71 30.90 -22.27
N ALA A 152 12.65 29.76 -21.58
CA ALA A 152 13.69 28.75 -21.66
C ALA A 152 13.04 27.40 -21.47
N ILE A 153 13.49 26.39 -22.19
CA ILE A 153 12.93 25.05 -21.97
C ILE A 153 14.00 24.11 -21.47
N ILE A 154 13.85 23.66 -20.23
CA ILE A 154 14.89 22.93 -19.52
C ILE A 154 14.40 21.65 -18.87
N GLY A 155 15.36 20.83 -18.47
CA GLY A 155 15.07 19.57 -17.85
C GLY A 155 15.10 19.68 -16.35
N GLN A 156 14.38 18.77 -15.73
CA GLN A 156 14.25 18.76 -14.29
C GLN A 156 15.57 18.46 -13.59
N THR A 157 16.00 19.31 -12.69
CA THR A 157 17.29 19.12 -12.02
C THR A 157 17.42 17.83 -11.24
N SER A 158 16.35 17.46 -10.59
CA SER A 158 16.45 16.37 -9.60
C SER A 158 16.02 16.82 -8.22
N SER A 159 15.84 18.12 -8.12
CA SER A 159 15.58 18.80 -6.91
C SER A 159 14.11 19.06 -6.82
N LEU A 160 13.34 18.58 -7.80
CA LEU A 160 12.00 19.07 -8.00
C LEU A 160 10.84 18.10 -7.78
N ALA A 161 9.89 18.52 -6.95
CA ALA A 161 8.81 17.66 -6.46
C ALA A 161 9.26 16.20 -6.32
N PRO A 162 10.39 15.99 -5.60
CA PRO A 162 11.06 14.68 -5.53
C PRO A 162 10.19 13.60 -4.92
N ALA A 163 9.18 14.01 -4.17
CA ALA A 163 8.30 13.08 -3.52
C ALA A 163 7.59 12.24 -4.57
N ASP A 164 7.38 12.84 -5.73
CA ASP A 164 6.69 12.17 -6.82
C ASP A 164 7.50 11.00 -7.38
N LYS A 165 8.82 11.03 -7.17
CA LYS A 165 9.71 9.97 -7.63
C LYS A 165 9.32 8.62 -7.04
N ARG A 166 9.31 8.52 -5.72
CA ARG A 166 8.99 7.26 -5.04
C ARG A 166 7.50 6.97 -5.08
N PHE A 167 6.68 8.03 -5.02
CA PHE A 167 5.24 7.82 -5.01
C PHE A 167 4.72 7.35 -6.38
N TYR A 168 5.22 7.92 -7.48
CA TYR A 168 4.76 7.48 -8.78
C TYR A 168 5.24 6.06 -9.07
N ALA A 169 6.47 5.77 -8.66
CA ALA A 169 7.08 4.46 -8.95
C ALA A 169 6.26 3.35 -8.32
N THR A 170 5.97 3.52 -7.04
CA THR A 170 5.12 2.60 -6.32
C THR A 170 3.72 2.50 -6.95
N ARG A 171 3.13 3.64 -7.32
CA ARG A 171 1.80 3.60 -7.98
C ARG A 171 1.83 2.70 -9.21
N ASP A 172 2.96 2.69 -9.89
CA ASP A 172 3.08 1.99 -11.16
C ASP A 172 3.01 0.49 -11.02
N ILE A 173 3.49 -0.06 -9.91
CA ILE A 173 3.44 -1.50 -9.71
C ILE A 173 2.23 -1.97 -8.91
N THR A 174 1.51 -1.03 -8.31
CA THR A 174 0.34 -1.38 -7.49
C THR A 174 -1.06 -1.10 -8.03
N ALA A 175 -1.18 -0.67 -9.28
CA ALA A 175 -2.51 -0.40 -9.86
C ALA A 175 -3.24 0.78 -9.20
N THR A 176 -2.48 1.69 -8.61
CA THR A 176 -2.98 2.98 -8.11
C THR A 176 -2.64 4.19 -9.00
N VAL A 177 -2.09 3.95 -10.18
CA VAL A 177 -1.90 5.04 -11.14
C VAL A 177 -3.22 5.72 -11.44
N ASP A 178 -4.26 4.95 -11.71
CA ASP A 178 -5.48 5.58 -12.15
C ASP A 178 -6.32 5.98 -10.93
N SER A 179 -6.09 7.21 -10.50
CA SER A 179 -6.92 7.90 -9.52
C SER A 179 -6.76 9.38 -9.83
N ILE A 180 -7.86 10.11 -9.93
CA ILE A 180 -7.74 11.49 -10.37
C ILE A 180 -7.02 12.38 -9.35
N PRO A 181 -7.33 12.25 -8.03
CA PRO A 181 -6.54 13.05 -7.08
C PRO A 181 -5.04 12.78 -7.18
N LEU A 182 -4.61 11.53 -7.27
CA LEU A 182 -3.19 11.20 -7.35
C LEU A 182 -2.57 11.67 -8.67
N ILE A 183 -3.39 11.72 -9.72
CA ILE A 183 -2.96 12.25 -11.00
C ILE A 183 -2.86 13.77 -10.96
N THR A 184 -3.84 14.44 -10.34
CA THR A 184 -3.79 15.90 -10.24
C THR A 184 -2.56 16.30 -9.42
N GLY A 185 -2.16 15.44 -8.49
CA GLY A 185 -0.96 15.67 -7.72
C GLY A 185 0.32 15.58 -8.54
N SER A 186 0.44 14.53 -9.35
CA SER A 186 1.65 14.32 -10.12
C SER A 186 1.80 15.34 -11.23
N ILE A 187 0.70 15.54 -11.93
CA ILE A 187 0.65 16.47 -13.05
C ILE A 187 1.00 17.88 -12.62
N LEU A 188 0.39 18.34 -11.53
CA LEU A 188 0.54 19.74 -11.11
C LEU A 188 1.71 20.09 -10.18
N ALA A 189 2.29 19.11 -9.49
CA ALA A 189 3.23 19.44 -8.41
C ALA A 189 4.49 20.06 -8.97
N LYS A 190 4.90 19.57 -10.13
CA LYS A 190 6.11 20.05 -10.76
C LYS A 190 5.92 21.44 -11.36
N LYS A 191 4.83 21.62 -12.10
CA LYS A 191 4.57 22.89 -12.77
C LYS A 191 4.40 24.00 -11.78
N LEU A 192 3.76 23.68 -10.66
CA LEU A 192 3.52 24.66 -9.61
C LEU A 192 4.83 25.03 -8.89
N ALA A 193 5.84 24.17 -9.00
CA ALA A 193 7.14 24.42 -8.37
C ALA A 193 7.93 25.54 -9.07
N GLU A 194 7.43 25.98 -10.22
CA GLU A 194 8.06 27.00 -11.04
C GLU A 194 7.76 28.41 -10.56
N GLY A 195 6.80 28.54 -9.65
CA GLY A 195 6.44 29.85 -9.14
C GLY A 195 5.68 30.70 -10.14
N LEU A 196 4.63 30.13 -10.71
CA LEU A 196 3.81 30.80 -11.73
C LEU A 196 2.72 31.74 -11.17
N ASP A 197 2.40 32.81 -11.90
CA ASP A 197 1.17 33.59 -11.68
C ASP A 197 -0.03 32.99 -12.42
N ALA A 198 0.23 32.21 -13.47
CA ALA A 198 -0.82 31.68 -14.33
C ALA A 198 -0.38 30.40 -15.00
N LEU A 199 -1.37 29.59 -15.33
CA LEU A 199 -1.17 28.29 -15.94
C LEU A 199 -2.36 27.99 -16.79
N VAL A 200 -2.13 27.37 -17.93
CA VAL A 200 -3.23 26.79 -18.67
C VAL A 200 -2.95 25.30 -18.82
N MET A 201 -3.96 24.46 -18.62
CA MET A 201 -3.79 23.03 -18.81
C MET A 201 -4.43 22.61 -20.10
N ASP A 202 -3.68 21.87 -20.90
CA ASP A 202 -4.20 21.21 -22.09
C ASP A 202 -4.56 19.75 -21.74
N VAL A 203 -5.86 19.42 -21.76
CA VAL A 203 -6.32 18.06 -21.49
C VAL A 203 -6.89 17.48 -22.76
N LYS A 204 -6.24 16.48 -23.30
CA LYS A 204 -6.64 15.91 -24.57
C LYS A 204 -7.81 14.94 -24.42
N VAL A 205 -8.73 14.98 -25.39
CA VAL A 205 -9.76 13.97 -25.46
C VAL A 205 -9.63 13.20 -26.77
N GLY A 206 -10.16 11.98 -26.81
CA GLY A 206 -10.03 11.11 -27.97
C GLY A 206 -9.12 9.91 -27.78
N SER A 207 -8.92 9.15 -28.85
CA SER A 207 -8.19 7.89 -28.82
C SER A 207 -6.73 8.04 -28.39
N GLY A 208 -6.11 9.15 -28.76
CA GLY A 208 -4.70 9.37 -28.47
C GLY A 208 -4.42 9.69 -27.02
N ALA A 209 -5.49 10.01 -26.29
CA ALA A 209 -5.43 10.61 -24.95
C ALA A 209 -5.12 9.66 -23.80
N PHE A 210 -4.62 10.25 -22.72
CA PHE A 210 -4.36 9.58 -21.45
C PHE A 210 -5.67 9.04 -20.86
N MET A 211 -6.65 9.93 -20.72
CA MET A 211 -8.02 9.58 -20.30
C MET A 211 -8.71 8.74 -21.37
N PRO A 212 -9.36 7.65 -20.94
CA PRO A 212 -10.06 6.70 -21.81
C PRO A 212 -11.37 7.24 -22.41
N THR A 213 -11.96 8.22 -21.73
CA THR A 213 -13.24 8.82 -22.15
C THR A 213 -13.30 10.33 -21.93
N TYR A 214 -14.23 10.97 -22.64
CA TYR A 214 -14.38 12.42 -22.61
C TYR A 214 -14.76 12.93 -21.23
N GLU A 215 -15.66 12.23 -20.54
CA GLU A 215 -16.16 12.74 -19.28
C GLU A 215 -15.06 12.63 -18.23
N LEU A 216 -14.12 11.72 -18.47
CA LEU A 216 -12.93 11.57 -17.64
C LEU A 216 -11.85 12.66 -17.91
N SER A 217 -11.66 13.03 -19.18
CA SER A 217 -10.81 14.19 -19.49
C SER A 217 -11.35 15.44 -18.80
N GLU A 218 -12.68 15.57 -18.84
CA GLU A 218 -13.39 16.71 -18.25
C GLU A 218 -13.32 16.68 -16.74
N ALA A 219 -13.36 15.49 -16.16
CA ALA A 219 -13.21 15.36 -14.71
C ALA A 219 -11.79 15.70 -14.28
N LEU A 220 -10.82 15.27 -15.07
CA LEU A 220 -9.41 15.57 -14.79
C LEU A 220 -9.11 17.08 -14.97
N ALA A 221 -9.60 17.69 -16.04
CA ALA A 221 -9.42 19.13 -16.22
C ALA A 221 -10.01 19.91 -15.05
N GLU A 222 -11.21 19.53 -14.60
CA GLU A 222 -11.88 20.25 -13.52
C GLU A 222 -11.14 20.11 -12.21
N ALA A 223 -10.62 18.92 -11.97
CA ALA A 223 -9.80 18.69 -10.78
C ALA A 223 -8.61 19.65 -10.80
N ILE A 224 -7.96 19.76 -11.95
CA ILE A 224 -6.71 20.51 -12.08
C ILE A 224 -6.96 22.01 -11.95
N VAL A 225 -7.97 22.51 -12.64
CA VAL A 225 -8.31 23.91 -12.51
C VAL A 225 -8.68 24.19 -11.05
N GLY A 226 -9.43 23.30 -10.42
CA GLY A 226 -9.82 23.48 -9.04
C GLY A 226 -8.62 23.61 -8.11
N VAL A 227 -7.69 22.69 -8.23
CA VAL A 227 -6.55 22.58 -7.33
C VAL A 227 -5.53 23.69 -7.57
N ALA A 228 -5.34 24.05 -8.83
CA ALA A 228 -4.34 25.06 -9.21
C ALA A 228 -4.71 26.46 -8.72
N ASN A 229 -5.95 26.86 -8.94
CA ASN A 229 -6.41 28.16 -8.47
C ASN A 229 -6.40 28.17 -6.95
N GLY A 230 -6.75 27.03 -6.37
CA GLY A 230 -6.62 26.83 -4.95
C GLY A 230 -5.19 27.04 -4.49
N ALA A 231 -4.23 26.81 -5.37
CA ALA A 231 -2.82 26.95 -4.99
C ALA A 231 -2.36 28.38 -5.14
N GLY A 232 -3.26 29.25 -5.58
CA GLY A 232 -2.91 30.64 -5.78
C GLY A 232 -2.57 30.97 -7.22
N VAL A 233 -2.48 29.95 -8.07
CA VAL A 233 -2.17 30.18 -9.48
C VAL A 233 -3.42 30.23 -10.33
N ARG A 234 -3.66 31.39 -10.93
CA ARG A 234 -4.76 31.55 -11.85
C ARG A 234 -4.62 30.50 -12.92
N THR A 235 -5.66 29.71 -13.14
CA THR A 235 -5.57 28.59 -14.07
C THR A 235 -6.88 28.32 -14.79
N THR A 236 -6.78 28.06 -16.09
CA THR A 236 -7.90 27.53 -16.87
C THR A 236 -7.42 26.26 -17.58
N ALA A 237 -8.35 25.47 -18.10
CA ALA A 237 -7.97 24.32 -18.92
C ALA A 237 -8.73 24.35 -20.20
N LEU A 238 -8.11 23.85 -21.25
CA LEU A 238 -8.84 23.58 -22.48
C LEU A 238 -8.91 22.08 -22.70
N LEU A 239 -10.07 21.63 -23.20
CA LEU A 239 -10.21 20.26 -23.67
C LEU A 239 -10.03 20.28 -25.17
N THR A 240 -8.97 19.62 -25.65
CA THR A 240 -8.60 19.69 -27.06
C THR A 240 -8.54 18.32 -27.72
N ASP A 241 -8.71 18.30 -29.04
CA ASP A 241 -8.89 17.08 -29.82
C ASP A 241 -7.57 16.36 -30.11
N MET A 242 -7.42 15.16 -29.55
CA MET A 242 -6.35 14.20 -29.90
C MET A 242 -6.79 12.99 -30.75
N ASN A 243 -7.93 13.09 -31.41
CA ASN A 243 -8.38 12.04 -32.30
C ASN A 243 -7.54 11.82 -33.56
N GLN A 244 -6.82 12.86 -34.00
CA GLN A 244 -5.78 12.65 -35.01
C GLN A 244 -4.49 13.34 -34.56
N VAL A 245 -3.43 13.19 -35.34
CA VAL A 245 -2.15 13.80 -35.02
C VAL A 245 -2.33 15.31 -35.11
N LEU A 246 -1.86 16.06 -34.11
CA LEU A 246 -2.17 17.50 -34.07
C LEU A 246 -1.38 18.29 -35.10
N ALA A 247 -0.07 18.14 -35.07
CA ALA A 247 0.77 18.73 -36.12
C ALA A 247 0.70 17.88 -37.39
N SER A 248 1.45 18.28 -38.41
CA SER A 248 1.55 17.50 -39.63
C SER A 248 2.74 16.57 -39.59
N SER A 249 3.45 16.54 -38.47
CA SER A 249 4.65 15.72 -38.34
C SER A 249 4.76 15.13 -36.93
N ALA A 250 5.31 13.92 -36.79
CA ALA A 250 5.48 13.32 -35.46
C ALA A 250 6.82 12.59 -35.35
N GLY A 251 7.59 12.92 -34.31
CA GLY A 251 8.97 12.49 -34.26
C GLY A 251 9.75 13.46 -33.41
N ASN A 252 11.03 13.62 -33.69
CA ASN A 252 11.76 14.64 -32.99
C ASN A 252 12.26 15.75 -33.90
N ALA A 253 13.31 15.47 -34.67
CA ALA A 253 13.81 16.48 -35.58
C ALA A 253 12.69 17.00 -36.49
N VAL A 254 11.80 16.10 -36.91
CA VAL A 254 10.77 16.50 -37.86
C VAL A 254 9.71 17.41 -37.23
N GLU A 255 9.53 17.29 -35.91
CA GLU A 255 8.62 18.17 -35.19
C GLU A 255 9.26 19.55 -35.01
N VAL A 256 10.57 19.58 -34.79
CA VAL A 256 11.25 20.86 -34.66
C VAL A 256 11.23 21.62 -35.99
N ARG A 257 11.33 20.91 -37.11
CA ARG A 257 11.14 21.57 -38.41
C ARG A 257 9.82 22.27 -38.47
N GLU A 258 8.74 21.61 -38.07
CA GLU A 258 7.42 22.20 -38.24
C GLU A 258 7.22 23.33 -37.24
N ALA A 259 7.87 23.22 -36.09
CA ALA A 259 7.88 24.34 -35.15
C ALA A 259 8.41 25.64 -35.80
N VAL A 260 9.61 25.59 -36.35
CA VAL A 260 10.20 26.75 -37.02
C VAL A 260 9.32 27.29 -38.15
N GLN A 261 8.92 26.42 -39.08
CA GLN A 261 8.02 26.79 -40.18
C GLN A 261 6.73 27.49 -39.72
N PHE A 262 6.17 27.03 -38.61
CA PHE A 262 4.98 27.62 -38.03
C PHE A 262 5.26 29.07 -37.65
N LEU A 263 6.30 29.24 -36.83
CA LEU A 263 6.67 30.56 -36.35
C LEU A 263 7.02 31.48 -37.52
N THR A 264 7.83 30.99 -38.46
CA THR A 264 8.25 31.84 -39.57
C THR A 264 7.16 32.00 -40.61
N GLY A 265 6.12 31.18 -40.53
CA GLY A 265 4.97 31.37 -41.39
C GLY A 265 5.15 30.64 -42.68
N GLU A 266 6.17 29.79 -42.71
CA GLU A 266 6.46 28.94 -43.84
C GLU A 266 5.31 27.96 -44.10
N TYR A 267 4.85 27.31 -43.03
CA TYR A 267 3.69 26.42 -43.08
C TYR A 267 2.96 26.44 -41.74
N ARG A 268 1.63 26.49 -41.76
CA ARG A 268 0.87 26.36 -40.52
C ARG A 268 -0.30 25.39 -40.64
N ASN A 269 -0.20 24.28 -39.92
CA ASN A 269 -1.29 23.33 -39.75
C ASN A 269 -2.42 24.03 -38.99
N PRO A 270 -3.59 24.15 -39.62
CA PRO A 270 -4.73 24.94 -39.14
C PRO A 270 -5.28 24.48 -37.79
N ARG A 271 -5.23 23.19 -37.52
CA ARG A 271 -5.69 22.66 -36.25
C ARG A 271 -4.64 22.90 -35.19
N LEU A 272 -3.37 22.68 -35.53
CA LEU A 272 -2.26 22.99 -34.62
C LEU A 272 -2.26 24.49 -34.34
N PHE A 273 -2.62 25.27 -35.33
CA PHE A 273 -2.82 26.70 -35.13
C PHE A 273 -3.94 26.96 -34.09
N ASP A 274 -5.10 26.35 -34.31
CA ASP A 274 -6.24 26.47 -33.40
C ASP A 274 -5.86 26.18 -31.95
N VAL A 275 -5.16 25.09 -31.72
CA VAL A 275 -4.85 24.67 -30.36
C VAL A 275 -3.74 25.52 -29.73
N THR A 276 -2.75 25.90 -30.53
CA THR A 276 -1.66 26.73 -30.02
C THR A 276 -2.21 28.13 -29.65
N MET A 277 -2.93 28.75 -30.56
CA MET A 277 -3.50 30.07 -30.33
C MET A 277 -4.44 30.06 -29.13
N ALA A 278 -5.19 28.98 -28.98
CA ALA A 278 -6.13 28.87 -27.87
C ALA A 278 -5.42 28.77 -26.52
N LEU A 279 -4.36 27.97 -26.46
CA LEU A 279 -3.60 27.86 -25.21
C LEU A 279 -2.93 29.20 -24.84
N CYS A 280 -2.31 29.87 -25.81
CA CYS A 280 -1.66 31.17 -25.57
C CYS A 280 -2.65 32.24 -25.08
N VAL A 281 -3.80 32.31 -25.73
CA VAL A 281 -4.83 33.29 -25.37
C VAL A 281 -5.20 33.16 -23.90
N GLU A 282 -5.37 31.92 -23.46
CA GLU A 282 -5.60 31.61 -22.05
C GLU A 282 -4.44 32.09 -21.15
N MET A 283 -3.22 32.03 -21.67
CA MET A 283 -2.05 32.48 -20.91
C MET A 283 -2.02 34.01 -20.79
N LEU A 284 -2.41 34.69 -21.87
CA LEU A 284 -2.41 36.16 -21.90
C LEU A 284 -3.55 36.80 -21.13
N ILE A 285 -4.70 36.16 -21.07
CA ILE A 285 -5.79 36.73 -20.30
C ILE A 285 -5.58 36.43 -18.82
N SER A 286 -5.12 35.23 -18.50
CA SER A 286 -4.92 34.84 -17.10
C SER A 286 -3.72 35.55 -16.50
N GLY A 287 -2.95 36.22 -17.36
CA GLY A 287 -1.82 37.02 -16.89
C GLY A 287 -2.05 38.52 -17.04
N GLN A 288 -3.28 38.90 -17.38
CA GLN A 288 -3.64 40.29 -17.63
C GLN A 288 -2.71 41.05 -18.61
N LEU A 289 -2.13 40.31 -19.54
CA LEU A 289 -1.39 40.87 -20.67
C LEU A 289 -2.36 41.12 -21.81
N ALA A 290 -3.62 40.77 -21.60
CA ALA A 290 -4.69 41.12 -22.51
C ALA A 290 -6.05 41.20 -21.81
N LYS A 291 -6.84 42.15 -22.27
CA LYS A 291 -8.20 42.40 -21.81
C LYS A 291 -9.15 41.24 -22.14
N ASP A 292 -9.03 40.71 -23.35
CA ASP A 292 -9.97 39.72 -23.85
C ASP A 292 -9.38 38.81 -24.92
N ASP A 293 -10.09 37.74 -25.23
CA ASP A 293 -9.69 36.83 -26.29
C ASP A 293 -9.30 37.58 -27.57
N ALA A 294 -10.14 38.50 -28.01
CA ALA A 294 -9.87 39.21 -29.24
C ALA A 294 -8.55 39.94 -29.15
N GLU A 295 -8.30 40.65 -28.05
CA GLU A 295 -7.05 41.40 -27.94
C GLU A 295 -5.84 40.47 -27.79
N ALA A 296 -6.02 39.39 -27.04
CA ALA A 296 -5.01 38.34 -26.95
C ALA A 296 -4.65 37.87 -28.35
N ARG A 297 -5.65 37.49 -29.13
CA ARG A 297 -5.42 36.93 -30.45
C ARG A 297 -4.76 37.96 -31.36
N ALA A 298 -5.09 39.22 -31.12
CA ALA A 298 -4.56 40.34 -31.89
C ALA A 298 -3.05 40.45 -31.70
N LYS A 299 -2.62 40.49 -30.45
CA LYS A 299 -1.20 40.51 -30.09
C LYS A 299 -0.43 39.29 -30.61
N LEU A 300 -1.01 38.12 -30.40
CA LEU A 300 -0.38 36.84 -30.71
C LEU A 300 -0.21 36.68 -32.20
N GLN A 301 -1.23 37.08 -32.95
CA GLN A 301 -1.19 36.98 -34.41
C GLN A 301 -0.07 37.83 -35.00
N ALA A 302 0.15 39.00 -34.40
CA ALA A 302 1.19 39.93 -34.82
C ALA A 302 2.60 39.39 -34.57
N VAL A 303 2.87 39.00 -33.33
CA VAL A 303 4.16 38.44 -32.92
C VAL A 303 4.56 37.20 -33.74
N LEU A 304 3.53 36.44 -34.14
CA LEU A 304 3.73 35.25 -34.94
C LEU A 304 3.98 35.62 -36.40
N ASP A 305 3.14 36.51 -36.94
CA ASP A 305 3.21 36.92 -38.34
C ASP A 305 4.46 37.75 -38.68
N ASN A 306 4.96 38.58 -37.77
CA ASN A 306 6.08 39.47 -38.12
C ASN A 306 7.47 38.92 -37.78
N GLY A 307 7.53 37.72 -37.24
CA GLY A 307 8.80 37.06 -37.02
C GLY A 307 9.36 37.22 -35.62
N LYS A 308 8.66 37.99 -34.80
CA LYS A 308 9.13 38.28 -33.45
C LYS A 308 9.32 36.99 -32.71
N ALA A 309 8.27 36.18 -32.74
CA ALA A 309 8.30 34.91 -32.02
C ALA A 309 9.41 34.02 -32.56
N ALA A 310 9.59 34.03 -33.88
CA ALA A 310 10.69 33.28 -34.47
C ALA A 310 12.04 33.76 -33.91
N GLU A 311 12.23 35.08 -33.82
CA GLU A 311 13.46 35.63 -33.24
C GLU A 311 13.64 35.17 -31.80
N VAL A 312 12.56 35.21 -31.04
CA VAL A 312 12.60 34.79 -29.64
C VAL A 312 13.06 33.36 -29.56
N PHE A 313 12.62 32.58 -30.53
CA PHE A 313 12.95 31.17 -30.51
C PHE A 313 14.44 31.01 -30.79
N GLY A 314 14.91 31.66 -31.84
CA GLY A 314 16.32 31.57 -32.20
C GLY A 314 17.16 32.02 -31.02
N ARG A 315 16.79 33.15 -30.44
CA ARG A 315 17.52 33.67 -29.30
C ARG A 315 17.56 32.65 -28.20
N MET A 316 16.38 32.10 -27.85
CA MET A 316 16.34 31.10 -26.79
C MET A 316 17.22 29.91 -27.15
N VAL A 317 17.15 29.50 -28.41
CA VAL A 317 17.96 28.40 -28.90
C VAL A 317 19.44 28.74 -28.74
N ALA A 318 19.83 29.91 -29.27
CA ALA A 318 21.20 30.38 -29.16
C ALA A 318 21.62 30.36 -27.69
N ALA A 319 20.76 30.96 -26.85
CA ALA A 319 20.99 31.09 -25.43
C ALA A 319 21.28 29.75 -24.76
N GLN A 320 20.61 28.70 -25.24
CA GLN A 320 20.69 27.35 -24.70
C GLN A 320 21.77 26.52 -25.42
N LYS A 321 22.63 27.24 -26.15
CA LYS A 321 23.81 26.73 -26.84
C LYS A 321 23.51 25.95 -28.12
N GLY A 322 22.44 26.35 -28.79
CA GLY A 322 22.17 25.85 -30.11
C GLY A 322 22.70 26.86 -31.11
N PRO A 323 22.64 26.52 -32.40
CA PRO A 323 23.06 27.42 -33.47
C PRO A 323 22.47 28.83 -33.36
N SER A 324 23.29 29.83 -33.64
CA SER A 324 22.85 31.21 -33.59
C SER A 324 22.05 31.57 -34.84
N ASP A 325 22.29 30.81 -35.91
CA ASP A 325 21.55 30.94 -37.17
C ASP A 325 20.42 29.91 -37.33
N PHE A 326 20.09 29.20 -36.25
CA PHE A 326 19.18 28.06 -36.36
C PHE A 326 17.82 28.31 -37.03
N VAL A 327 17.18 29.44 -36.76
CA VAL A 327 15.85 29.68 -37.36
C VAL A 327 15.96 29.71 -38.87
N GLU A 328 16.94 30.45 -39.36
CA GLU A 328 17.16 30.61 -40.78
C GLU A 328 17.66 29.33 -41.43
N ASN A 329 18.69 28.75 -40.82
CA ASN A 329 19.40 27.56 -41.31
C ASN A 329 19.06 26.20 -40.71
N TYR A 330 17.91 26.08 -40.03
CA TYR A 330 17.45 24.80 -39.42
C TYR A 330 17.66 23.59 -40.38
N ASP A 331 17.57 23.88 -41.68
CA ASP A 331 17.84 22.96 -42.79
C ASP A 331 19.09 22.11 -42.62
N LYS A 332 20.17 22.76 -42.21
CA LYS A 332 21.51 22.17 -42.23
C LYS A 332 21.90 21.51 -40.92
N TYR A 333 21.08 21.72 -39.90
CA TYR A 333 21.42 21.31 -38.55
C TYR A 333 20.74 20.01 -38.17
N LEU A 334 19.41 20.02 -38.21
CA LEU A 334 18.60 18.86 -37.83
C LEU A 334 18.99 17.59 -38.59
N PRO A 335 18.98 16.44 -37.89
CA PRO A 335 19.24 15.15 -38.54
C PRO A 335 18.16 14.85 -39.57
N THR A 336 18.55 14.40 -40.76
CA THR A 336 17.57 13.87 -41.69
C THR A 336 17.70 12.35 -41.74
N ALA A 337 16.56 11.66 -41.89
CA ALA A 337 16.52 10.20 -41.97
C ALA A 337 17.13 9.64 -43.26
N MET A 338 17.66 8.44 -43.17
CA MET A 338 18.34 7.77 -44.29
C MET A 338 17.38 7.29 -45.35
N LEU A 339 16.14 7.02 -44.95
CA LEU A 339 15.11 6.65 -45.92
C LEU A 339 13.82 7.43 -45.68
N SER A 340 13.44 8.29 -46.61
CA SER A 340 12.18 9.02 -46.44
C SER A 340 11.26 8.93 -47.67
N LYS A 341 10.20 8.13 -47.53
CA LYS A 341 9.24 7.88 -48.63
C LYS A 341 7.82 7.84 -48.09
N ALA A 342 6.90 8.22 -48.96
CA ALA A 342 5.45 8.22 -48.67
C ALA A 342 4.85 6.80 -48.55
N VAL A 343 3.77 6.68 -47.78
CA VAL A 343 3.03 5.42 -47.75
C VAL A 343 1.59 5.67 -48.21
N TYR A 344 1.09 4.79 -49.07
CA TYR A 344 -0.22 4.96 -49.67
C TYR A 344 -1.14 3.89 -49.17
N ALA A 345 -2.43 4.24 -49.10
CA ALA A 345 -3.48 3.32 -48.67
C ALA A 345 -3.75 2.27 -49.74
N ASP A 346 -4.36 1.16 -49.36
CA ASP A 346 -4.69 0.13 -50.35
C ASP A 346 -6.03 0.38 -51.04
N THR A 347 -6.66 1.50 -50.71
CA THR A 347 -7.98 1.82 -51.27
C THR A 347 -8.16 3.31 -51.38
N GLU A 348 -9.11 3.74 -52.20
CA GLU A 348 -9.46 5.14 -52.14
C GLU A 348 -10.50 5.32 -51.04
N GLY A 349 -10.82 6.57 -50.73
CA GLY A 349 -11.75 6.90 -49.66
C GLY A 349 -11.48 8.22 -48.94
N PHE A 350 -12.35 8.56 -48.01
CA PHE A 350 -12.12 9.68 -47.11
C PHE A 350 -11.54 9.13 -45.82
N ILE A 351 -10.64 9.87 -45.17
CA ILE A 351 -10.14 9.38 -43.89
C ILE A 351 -11.16 9.66 -42.80
N SER A 352 -11.73 8.61 -42.22
CA SER A 352 -12.75 8.80 -41.18
C SER A 352 -12.33 8.53 -39.73
N ALA A 353 -11.15 7.92 -39.54
CA ALA A 353 -10.59 7.77 -38.19
C ALA A 353 -9.13 7.37 -38.28
N MET A 354 -8.40 7.56 -37.18
CA MET A 354 -7.08 6.96 -37.04
C MET A 354 -6.77 6.74 -35.58
N ASP A 355 -6.02 5.68 -35.30
CA ASP A 355 -5.68 5.36 -33.94
C ASP A 355 -4.38 6.06 -33.66
N THR A 356 -4.47 7.12 -32.87
CA THR A 356 -3.39 8.07 -32.73
C THR A 356 -2.35 7.53 -31.75
N ARG A 357 -2.82 6.71 -30.82
CA ARG A 357 -1.93 5.98 -29.94
C ARG A 357 -1.04 5.05 -30.77
N ALA A 358 -1.64 4.43 -31.80
CA ALA A 358 -0.96 3.47 -32.66
C ALA A 358 0.13 4.08 -33.51
N LEU A 359 -0.22 5.18 -34.17
CA LEU A 359 0.75 5.94 -34.95
C LEU A 359 1.92 6.33 -34.05
N GLY A 360 1.59 6.82 -32.86
CA GLY A 360 2.60 7.22 -31.89
C GLY A 360 3.55 6.10 -31.52
N MET A 361 3.01 4.89 -31.39
CA MET A 361 3.81 3.71 -31.12
C MET A 361 4.70 3.32 -32.32
N ALA A 362 4.21 3.56 -33.53
CA ALA A 362 4.99 3.31 -34.73
C ALA A 362 6.29 4.10 -34.69
N VAL A 363 6.24 5.27 -34.06
CA VAL A 363 7.39 6.15 -34.04
C VAL A 363 8.42 5.69 -33.01
N VAL A 364 7.94 5.30 -31.82
CA VAL A 364 8.84 4.75 -30.81
C VAL A 364 9.57 3.52 -31.38
N SER A 365 8.79 2.64 -32.02
CA SER A 365 9.34 1.47 -32.70
C SER A 365 10.44 1.79 -33.72
N MET A 366 10.30 2.88 -34.46
CA MET A 366 11.32 3.27 -35.44
C MET A 366 12.57 3.81 -34.78
N GLY A 367 12.50 4.06 -33.47
CA GLY A 367 13.58 4.73 -32.76
C GLY A 367 13.32 6.13 -32.23
N GLY A 368 12.15 6.70 -32.51
CA GLY A 368 11.83 8.05 -32.07
C GLY A 368 11.37 8.19 -30.63
N GLY A 369 11.21 7.06 -29.96
CA GLY A 369 10.77 7.08 -28.59
C GLY A 369 11.40 5.94 -27.84
N ARG A 370 11.24 5.98 -26.54
CA ARG A 370 11.77 4.94 -25.67
C ARG A 370 10.67 4.16 -25.05
N ARG A 371 10.82 2.84 -24.99
CA ARG A 371 10.06 2.08 -24.01
C ARG A 371 10.80 2.09 -22.65
N GLN A 372 12.10 1.85 -22.74
CA GLN A 372 12.95 1.84 -21.54
C GLN A 372 13.24 3.33 -21.16
N ALA A 373 13.63 3.67 -19.92
CA ALA A 373 13.98 5.09 -19.60
C ALA A 373 15.37 5.41 -20.10
N SER A 374 16.12 4.34 -20.31
CA SER A 374 17.42 4.40 -20.89
C SER A 374 17.60 4.04 -22.40
N ASP A 375 16.50 3.72 -23.13
CA ASP A 375 16.55 3.61 -24.57
C ASP A 375 17.15 4.84 -25.20
N THR A 376 18.08 4.67 -26.12
CA THR A 376 18.65 5.79 -26.87
C THR A 376 17.70 6.15 -28.03
N ILE A 377 17.69 7.41 -28.42
CA ILE A 377 16.73 7.88 -29.43
C ILE A 377 17.44 8.29 -30.71
N ASP A 378 16.86 7.95 -31.86
CA ASP A 378 17.32 8.46 -33.14
C ASP A 378 16.39 9.62 -33.47
N TYR A 379 16.94 10.80 -33.70
CA TYR A 379 16.09 11.99 -33.76
C TYR A 379 15.52 12.27 -35.14
N SER A 380 16.01 11.57 -36.14
CA SER A 380 15.59 11.81 -37.50
C SER A 380 14.25 11.14 -37.88
N VAL A 381 13.95 9.99 -37.28
CA VAL A 381 12.79 9.19 -37.72
C VAL A 381 11.46 9.83 -37.37
N GLY A 382 10.41 9.40 -38.08
CA GLY A 382 9.05 9.80 -37.77
C GLY A 382 8.16 9.87 -38.98
N PHE A 383 7.11 10.66 -38.87
CA PHE A 383 6.22 10.96 -39.99
C PHE A 383 6.16 12.45 -40.33
N THR A 384 5.94 12.76 -41.60
CA THR A 384 5.63 14.12 -42.04
C THR A 384 4.50 14.05 -43.05
N ASP A 385 3.94 15.20 -43.40
CA ASP A 385 2.85 15.25 -44.37
C ASP A 385 1.67 14.34 -44.00
N MET A 386 1.45 14.14 -42.70
CA MET A 386 0.36 13.30 -42.21
C MET A 386 -0.95 13.75 -42.82
N ALA A 387 -1.74 12.78 -43.27
CA ALA A 387 -3.08 13.08 -43.73
C ALA A 387 -4.01 13.32 -42.53
N ARG A 388 -5.06 14.10 -42.76
CA ARG A 388 -5.98 14.50 -41.71
C ARG A 388 -7.35 13.89 -41.95
N LEU A 389 -8.14 13.78 -40.88
CA LEU A 389 -9.48 13.23 -41.00
C LEU A 389 -10.26 13.98 -42.09
N GLY A 390 -10.94 13.22 -42.94
CA GLY A 390 -11.81 13.78 -43.95
C GLY A 390 -11.10 14.09 -45.24
N ASP A 391 -9.78 13.93 -45.23
CA ASP A 391 -8.98 14.02 -46.46
C ASP A 391 -9.33 12.91 -47.44
N SER A 392 -9.40 13.27 -48.71
CA SER A 392 -9.59 12.31 -49.79
C SER A 392 -8.30 11.59 -50.12
N ILE A 393 -8.30 10.27 -49.98
CA ILE A 393 -7.10 9.46 -50.22
C ILE A 393 -7.23 8.65 -51.52
N ASP A 394 -6.13 8.53 -52.26
CA ASP A 394 -6.03 7.61 -53.40
C ASP A 394 -4.56 7.44 -53.75
N GLY A 395 -4.28 6.84 -54.91
CA GLY A 395 -2.90 6.67 -55.36
C GLY A 395 -2.02 7.91 -55.51
N GLN A 396 -2.62 9.08 -55.76
CA GLN A 396 -1.85 10.32 -55.73
C GLN A 396 -1.65 10.83 -54.30
N ARG A 397 -2.66 10.67 -53.47
CA ARG A 397 -2.67 11.25 -52.14
C ARG A 397 -2.19 10.24 -51.09
N PRO A 398 -0.94 10.38 -50.62
CA PRO A 398 -0.35 9.47 -49.63
C PRO A 398 -0.86 9.73 -48.22
N LEU A 399 -0.74 8.76 -47.34
CA LEU A 399 -1.23 8.89 -45.96
C LEU A 399 -0.23 9.68 -45.14
N ALA A 400 1.04 9.47 -45.47
CA ALA A 400 2.13 10.16 -44.81
C ALA A 400 3.46 9.81 -45.48
N VAL A 401 4.45 10.65 -45.23
CA VAL A 401 5.83 10.37 -45.58
C VAL A 401 6.50 9.80 -44.35
N ILE A 402 7.06 8.60 -44.48
CA ILE A 402 7.70 7.98 -43.34
C ILE A 402 9.19 8.25 -43.44
N HIS A 403 9.78 8.60 -42.31
CA HIS A 403 11.21 8.82 -42.20
C HIS A 403 11.77 7.71 -41.31
N ALA A 404 12.65 6.89 -41.88
CA ALA A 404 13.15 5.73 -41.16
C ALA A 404 14.66 5.53 -41.26
N LYS A 405 15.16 4.65 -40.40
CA LYS A 405 16.56 4.25 -40.36
C LYS A 405 16.94 3.37 -41.55
N ASP A 406 16.08 2.41 -41.89
CA ASP A 406 16.29 1.56 -43.05
C ASP A 406 14.99 0.98 -43.61
N GLU A 407 15.14 0.20 -44.68
CA GLU A 407 14.01 -0.37 -45.41
C GLU A 407 13.23 -1.32 -44.56
N ALA A 408 13.96 -2.15 -43.82
CA ALA A 408 13.38 -2.99 -42.80
C ALA A 408 12.40 -2.16 -41.97
N SER A 409 12.94 -1.18 -41.23
CA SER A 409 12.12 -0.28 -40.41
C SER A 409 10.93 0.30 -41.15
N TRP A 410 11.20 0.88 -42.30
CA TRP A 410 10.19 1.62 -43.06
C TRP A 410 8.98 0.76 -43.42
N GLN A 411 9.22 -0.47 -43.85
CA GLN A 411 8.16 -1.41 -44.21
C GLN A 411 7.22 -1.71 -43.05
N GLU A 412 7.75 -1.71 -41.83
CA GLU A 412 6.96 -2.02 -40.64
C GLU A 412 6.10 -0.85 -40.20
N ALA A 413 6.66 0.35 -40.23
CA ALA A 413 5.84 1.52 -39.93
C ALA A 413 4.74 1.64 -40.99
N ALA A 414 5.09 1.31 -42.24
CA ALA A 414 4.15 1.32 -43.37
C ALA A 414 2.94 0.41 -43.14
N LYS A 415 3.17 -0.74 -42.51
CA LYS A 415 2.08 -1.59 -42.06
C LYS A 415 1.22 -0.86 -41.02
N ALA A 416 1.88 -0.43 -39.95
CA ALA A 416 1.19 0.20 -38.82
C ALA A 416 0.35 1.39 -39.27
N VAL A 417 0.91 2.21 -40.15
CA VAL A 417 0.25 3.43 -40.61
C VAL A 417 -0.97 3.09 -41.49
N LYS A 418 -0.88 2.03 -42.28
CA LYS A 418 -2.02 1.66 -43.08
C LYS A 418 -3.14 1.11 -42.18
N ALA A 419 -2.75 0.28 -41.22
CA ALA A 419 -3.70 -0.32 -40.29
C ALA A 419 -4.33 0.66 -39.30
N ALA A 420 -3.61 1.74 -38.98
CA ALA A 420 -4.09 2.70 -37.98
C ALA A 420 -5.08 3.70 -38.55
N ILE A 421 -5.05 3.89 -39.87
CA ILE A 421 -5.91 4.88 -40.52
C ILE A 421 -7.12 4.18 -41.18
N ILE A 422 -8.32 4.71 -40.96
CA ILE A 422 -9.53 4.11 -41.51
C ILE A 422 -10.12 5.00 -42.60
N LEU A 423 -10.38 4.40 -43.76
CA LEU A 423 -10.96 5.12 -44.89
C LEU A 423 -12.43 4.78 -45.07
N ASP A 424 -13.22 5.79 -45.43
CA ASP A 424 -14.66 5.61 -45.61
C ASP A 424 -15.05 6.18 -46.96
N ASP A 425 -16.33 6.05 -47.31
CA ASP A 425 -16.82 6.52 -48.59
C ASP A 425 -17.43 7.93 -48.49
N LYS A 426 -17.63 8.41 -47.27
CA LYS A 426 -18.14 9.77 -47.03
C LYS A 426 -17.29 10.52 -46.02
N ALA A 427 -16.99 11.77 -46.34
CA ALA A 427 -16.24 12.62 -45.41
C ALA A 427 -17.04 12.76 -44.12
N PRO A 428 -16.49 12.26 -43.01
CA PRO A 428 -17.23 12.13 -41.76
C PRO A 428 -17.40 13.44 -41.00
N ALA A 429 -17.89 13.31 -39.77
CA ALA A 429 -18.11 14.44 -38.86
C ALA A 429 -16.87 15.31 -38.73
N SER A 430 -17.03 16.61 -38.87
CA SER A 430 -15.89 17.50 -38.70
C SER A 430 -15.80 18.03 -37.25
N THR A 431 -14.80 17.54 -36.51
CA THR A 431 -14.68 17.78 -35.07
C THR A 431 -13.96 19.09 -34.75
N PRO A 432 -14.39 19.76 -33.67
CA PRO A 432 -13.75 21.00 -33.20
C PRO A 432 -12.43 20.71 -32.51
N SER A 433 -11.45 21.57 -32.78
CA SER A 433 -10.11 21.40 -32.23
C SER A 433 -10.15 21.58 -30.72
N VAL A 434 -10.89 22.61 -30.29
CA VAL A 434 -11.08 22.89 -28.87
C VAL A 434 -12.53 22.68 -28.45
N TYR A 435 -12.76 21.88 -27.41
CA TYR A 435 -14.12 21.50 -27.01
C TYR A 435 -14.78 22.46 -26.00
N ARG A 436 -14.21 22.60 -24.82
CA ARG A 436 -14.66 23.66 -23.93
C ARG A 436 -13.49 24.32 -23.21
N ARG A 437 -13.76 25.47 -22.62
CA ARG A 437 -12.79 26.12 -21.75
C ARG A 437 -13.27 25.97 -20.32
N ILE A 438 -12.40 25.49 -19.44
CA ILE A 438 -12.77 25.21 -18.04
C ILE A 438 -12.10 26.17 -17.07
N THR A 439 -12.93 26.87 -16.29
CA THR A 439 -12.42 27.87 -15.33
C THR A 439 -12.94 27.63 -13.93
N GLU A 440 -12.61 28.54 -13.02
CA GLU A 440 -13.12 28.46 -11.64
C GLU A 440 -14.40 29.30 -11.50
N MET B 1 6.49 -12.74 -11.48
CA MET B 1 6.53 -11.46 -12.18
C MET B 1 5.43 -10.48 -11.75
N PHE B 2 5.30 -9.41 -12.53
CA PHE B 2 4.47 -8.27 -12.18
C PHE B 2 3.05 -8.24 -12.79
N LEU B 3 2.63 -9.37 -13.34
CA LEU B 3 1.21 -9.70 -13.30
C LEU B 3 0.68 -9.81 -11.86
N ALA B 4 1.58 -9.82 -10.88
CA ALA B 4 1.20 -9.59 -9.50
C ALA B 4 0.35 -8.33 -9.43
N GLN B 5 0.78 -7.27 -10.09
CA GLN B 5 -0.01 -6.06 -10.21
C GLN B 5 -1.38 -6.31 -10.88
N GLU B 6 -1.45 -7.28 -11.79
CA GLU B 6 -2.72 -7.54 -12.44
C GLU B 6 -3.70 -8.25 -11.50
N ILE B 7 -3.15 -9.07 -10.61
CA ILE B 7 -3.96 -9.69 -9.60
C ILE B 7 -4.55 -8.59 -8.72
N ILE B 8 -3.69 -7.62 -8.37
CA ILE B 8 -4.07 -6.52 -7.50
C ILE B 8 -5.18 -5.70 -8.14
N ARG B 9 -5.07 -5.45 -9.44
CA ARG B 9 -6.06 -4.66 -10.15
C ARG B 9 -7.40 -5.41 -10.18
N LYS B 10 -7.33 -6.71 -10.46
CA LYS B 10 -8.50 -7.58 -10.48
C LYS B 10 -9.26 -7.57 -9.15
N LYS B 11 -8.52 -7.76 -8.06
CA LYS B 11 -9.15 -7.72 -6.76
C LYS B 11 -9.66 -6.29 -6.51
N ARG B 12 -8.85 -5.30 -6.87
CA ARG B 12 -9.21 -3.88 -6.69
C ARG B 12 -10.55 -3.53 -7.34
N ASP B 13 -10.77 -4.05 -8.54
CA ASP B 13 -11.98 -3.79 -9.31
C ASP B 13 -13.18 -4.59 -8.80
N GLY B 14 -12.94 -5.48 -7.84
CA GLY B 14 -14.03 -6.14 -7.14
C GLY B 14 -14.23 -7.60 -7.46
N HIS B 15 -13.37 -8.14 -8.31
CA HIS B 15 -13.44 -9.56 -8.67
C HIS B 15 -12.94 -10.50 -7.55
N ALA B 16 -13.38 -11.75 -7.63
CA ALA B 16 -12.83 -12.82 -6.80
C ALA B 16 -11.57 -13.37 -7.46
N LEU B 17 -10.55 -13.61 -6.65
CA LEU B 17 -9.30 -14.15 -7.16
C LEU B 17 -9.40 -15.65 -7.22
N SER B 18 -8.72 -16.25 -8.19
CA SER B 18 -8.70 -17.69 -8.35
C SER B 18 -7.85 -18.32 -7.26
N ASP B 19 -8.03 -19.62 -7.01
CA ASP B 19 -7.11 -20.33 -6.13
C ASP B 19 -5.71 -20.20 -6.68
N GLU B 20 -5.58 -20.41 -7.98
CA GLU B 20 -4.30 -20.31 -8.68
C GLU B 20 -3.61 -18.96 -8.53
N GLU B 21 -4.37 -17.88 -8.75
CA GLU B 21 -3.84 -16.54 -8.56
C GLU B 21 -3.38 -16.34 -7.11
N ILE B 22 -4.19 -16.80 -6.15
CA ILE B 22 -3.86 -16.69 -4.71
C ILE B 22 -2.59 -17.47 -4.34
N ARG B 23 -2.42 -18.70 -4.83
CA ARG B 23 -1.15 -19.39 -4.54
C ARG B 23 0.01 -18.76 -5.30
N PHE B 24 -0.23 -18.12 -6.44
CA PHE B 24 0.90 -17.45 -7.09
C PHE B 24 1.38 -16.28 -6.25
N PHE B 25 0.43 -15.57 -5.64
CA PHE B 25 0.79 -14.40 -4.88
C PHE B 25 1.43 -14.80 -3.55
N ILE B 26 0.78 -15.72 -2.86
CA ILE B 26 1.24 -16.17 -1.56
C ILE B 26 2.66 -16.69 -1.66
N ASN B 27 2.90 -17.53 -2.67
CA ASN B 27 4.22 -18.11 -2.86
C ASN B 27 5.20 -17.04 -3.31
N GLY B 28 4.73 -16.06 -4.07
CA GLY B 28 5.55 -14.92 -4.46
C GLY B 28 6.08 -14.14 -3.26
N ILE B 29 5.30 -14.11 -2.17
CA ILE B 29 5.70 -13.44 -0.95
C ILE B 29 6.75 -14.22 -0.17
N ARG B 30 6.60 -15.54 -0.16
CA ARG B 30 7.59 -16.40 0.50
C ARG B 30 8.94 -16.30 -0.21
N ASP B 31 8.88 -16.25 -1.54
CA ASP B 31 10.05 -16.37 -2.42
C ASP B 31 10.70 -15.05 -2.84
N ASN B 32 10.24 -13.94 -2.27
CA ASN B 32 10.80 -12.60 -2.53
C ASN B 32 10.48 -12.01 -3.89
N THR B 33 9.87 -12.81 -4.76
CA THR B 33 9.65 -12.38 -6.14
C THR B 33 8.61 -11.27 -6.24
N ILE B 34 7.86 -11.03 -5.16
CA ILE B 34 6.89 -9.94 -5.10
C ILE B 34 7.31 -8.93 -4.03
N SER B 35 7.19 -7.64 -4.32
CA SER B 35 7.71 -6.61 -3.41
C SER B 35 6.73 -6.15 -2.33
N GLU B 36 7.21 -5.28 -1.45
CA GLU B 36 6.46 -4.85 -0.28
C GLU B 36 5.22 -4.06 -0.67
N GLY B 37 5.35 -3.19 -1.66
CA GLY B 37 4.26 -2.32 -2.08
C GLY B 37 3.12 -3.11 -2.69
N GLN B 38 3.44 -4.18 -3.40
CA GLN B 38 2.39 -5.00 -4.00
C GLN B 38 1.65 -5.76 -2.90
N ILE B 39 2.39 -6.33 -1.95
CA ILE B 39 1.76 -6.98 -0.79
C ILE B 39 0.74 -6.08 -0.13
N ALA B 40 1.17 -4.85 0.16
CA ALA B 40 0.34 -3.90 0.91
C ALA B 40 -0.89 -3.44 0.13
N ALA B 41 -0.73 -3.28 -1.19
CA ALA B 41 -1.84 -2.89 -2.03
C ALA B 41 -2.87 -4.01 -2.11
N LEU B 42 -2.40 -5.24 -2.26
CA LEU B 42 -3.32 -6.37 -2.34
C LEU B 42 -4.06 -6.51 -1.03
N ALA B 43 -3.32 -6.37 0.06
CA ALA B 43 -3.91 -6.47 1.38
C ALA B 43 -5.03 -5.44 1.52
N MET B 44 -4.78 -4.24 1.00
CA MET B 44 -5.73 -3.17 1.19
C MET B 44 -6.96 -3.43 0.36
N THR B 45 -6.80 -4.01 -0.83
CA THR B 45 -7.95 -4.34 -1.67
C THR B 45 -8.76 -5.42 -0.96
N ILE B 46 -8.06 -6.34 -0.30
CA ILE B 46 -8.76 -7.35 0.49
C ILE B 46 -9.43 -6.72 1.73
N PHE B 47 -8.81 -5.71 2.34
CA PHE B 47 -9.52 -4.97 3.40
C PHE B 47 -10.82 -4.42 2.87
N PHE B 48 -10.81 -3.83 1.68
CA PHE B 48 -12.00 -3.15 1.18
C PHE B 48 -13.11 -4.08 0.64
N HIS B 49 -12.74 -5.06 -0.20
CA HIS B 49 -13.72 -5.90 -0.87
C HIS B 49 -14.03 -7.23 -0.18
N ASP B 50 -13.37 -7.48 0.95
CA ASP B 50 -13.38 -8.75 1.67
C ASP B 50 -12.99 -9.93 0.75
N MET B 51 -13.58 -11.08 0.97
CA MET B 51 -13.26 -12.28 0.21
C MET B 51 -14.41 -13.25 0.37
N THR B 52 -14.55 -14.18 -0.55
CA THR B 52 -15.61 -15.17 -0.44
C THR B 52 -15.07 -16.40 0.25
N MET B 53 -15.95 -17.38 0.46
CA MET B 53 -15.55 -18.59 1.15
C MET B 53 -14.46 -19.38 0.41
N PRO B 54 -14.64 -19.62 -0.90
CA PRO B 54 -13.53 -20.37 -1.50
C PRO B 54 -12.25 -19.52 -1.57
N GLU B 55 -12.39 -18.20 -1.67
CA GLU B 55 -11.22 -17.32 -1.63
C GLU B 55 -10.50 -17.54 -0.32
N ARG B 56 -11.29 -17.57 0.75
CA ARG B 56 -10.76 -17.70 2.11
C ARG B 56 -10.08 -19.03 2.35
N VAL B 57 -10.64 -20.12 1.82
CA VAL B 57 -10.03 -21.42 2.04
C VAL B 57 -8.75 -21.47 1.21
N SER B 58 -8.77 -20.76 0.07
CA SER B 58 -7.62 -20.73 -0.83
C SER B 58 -6.46 -19.98 -0.19
N LEU B 59 -6.76 -18.85 0.42
CA LEU B 59 -5.74 -18.08 1.11
C LEU B 59 -5.09 -18.87 2.24
N THR B 60 -5.93 -19.41 3.12
CA THR B 60 -5.48 -20.14 4.29
C THR B 60 -4.69 -21.39 3.91
N MET B 61 -5.16 -22.11 2.90
CA MET B 61 -4.46 -23.30 2.47
C MET B 61 -3.25 -22.97 1.60
N ALA B 62 -3.24 -21.82 0.94
CA ALA B 62 -2.05 -21.39 0.21
C ALA B 62 -0.93 -21.09 1.21
N MET B 63 -1.30 -20.43 2.30
CA MET B 63 -0.35 -20.15 3.37
C MET B 63 0.12 -21.42 4.05
N ARG B 64 -0.83 -22.31 4.35
CA ARG B 64 -0.54 -23.58 5.01
C ARG B 64 0.46 -24.45 4.23
N ASP B 65 0.29 -24.51 2.91
CA ASP B 65 1.13 -25.36 2.08
C ASP B 65 2.39 -24.66 1.59
N SER B 66 2.55 -23.40 2.01
CA SER B 66 3.75 -22.63 1.71
C SER B 66 4.97 -23.21 2.43
N GLY B 67 4.72 -24.13 3.35
CA GLY B 67 5.73 -24.69 4.25
C GLY B 67 5.32 -26.10 4.65
N THR B 68 6.06 -26.71 5.56
CA THR B 68 5.83 -28.11 5.85
C THR B 68 4.43 -28.32 6.44
N VAL B 69 3.85 -29.49 6.19
CA VAL B 69 2.55 -29.84 6.74
C VAL B 69 2.53 -31.26 7.33
N LEU B 70 2.31 -31.35 8.64
CA LEU B 70 2.54 -32.57 9.39
C LEU B 70 1.55 -33.69 9.05
N ASP B 71 2.00 -34.93 9.17
CA ASP B 71 1.07 -36.04 8.98
C ASP B 71 1.27 -37.09 10.06
N TRP B 72 0.21 -37.30 10.84
CA TRP B 72 0.26 -38.22 11.96
C TRP B 72 -0.25 -39.62 11.63
N LYS B 73 -0.67 -39.84 10.38
CA LYS B 73 -1.38 -41.07 10.05
C LYS B 73 -0.47 -42.31 10.15
N SER B 74 0.85 -42.11 10.00
CA SER B 74 1.81 -43.20 10.06
C SER B 74 1.87 -43.80 11.46
N LEU B 75 2.15 -42.95 12.45
CA LEU B 75 1.96 -43.35 13.83
C LEU B 75 0.50 -43.69 13.90
N ASN B 76 0.17 -44.91 14.30
CA ASN B 76 -1.22 -45.27 14.24
C ASN B 76 -1.72 -45.09 15.66
N LEU B 77 -2.48 -44.01 15.84
CA LEU B 77 -2.85 -43.57 17.17
C LEU B 77 -4.33 -43.85 17.37
N ASN B 78 -4.71 -44.20 18.59
CA ASN B 78 -6.11 -44.32 18.92
C ASN B 78 -6.50 -43.16 19.83
N GLY B 79 -7.55 -42.47 19.42
CA GLY B 79 -7.87 -41.14 19.93
C GLY B 79 -7.45 -40.11 18.89
N PRO B 80 -8.21 -39.01 18.81
CA PRO B 80 -8.14 -38.04 17.72
C PRO B 80 -6.94 -37.11 17.83
N ILE B 81 -6.51 -36.51 16.72
CA ILE B 81 -5.58 -35.38 16.81
C ILE B 81 -6.38 -34.09 16.99
N VAL B 82 -6.19 -33.45 18.15
CA VAL B 82 -6.98 -32.28 18.54
C VAL B 82 -6.04 -31.24 19.18
N ASP B 83 -6.21 -29.96 18.81
CA ASP B 83 -5.44 -28.88 19.44
C ASP B 83 -6.37 -27.73 19.84
N LYS B 84 -5.78 -26.72 20.50
CA LYS B 84 -6.46 -25.50 20.92
C LYS B 84 -5.63 -24.33 20.42
N HIS B 85 -6.30 -23.28 19.98
CA HIS B 85 -5.62 -22.09 19.52
C HIS B 85 -6.34 -20.89 20.10
N SER B 86 -5.61 -19.81 20.30
CA SER B 86 -6.14 -18.66 20.97
C SER B 86 -5.50 -17.39 20.45
N THR B 87 -6.28 -16.31 20.44
CA THR B 87 -5.77 -15.03 20.01
C THR B 87 -4.98 -14.39 21.15
N GLY B 88 -4.96 -15.05 22.31
CA GLY B 88 -4.05 -14.71 23.38
C GLY B 88 -4.41 -13.58 24.33
N GLY B 89 -3.82 -13.61 25.50
CA GLY B 89 -4.10 -12.59 26.50
C GLY B 89 -3.30 -12.70 27.77
N VAL B 90 -3.26 -11.61 28.50
CA VAL B 90 -2.57 -11.57 29.77
C VAL B 90 -3.16 -12.59 30.73
N GLY B 91 -2.31 -13.45 31.24
CA GLY B 91 -2.69 -14.44 32.22
C GLY B 91 -3.48 -15.59 31.65
N ASP B 92 -3.39 -15.83 30.33
CA ASP B 92 -4.11 -16.97 29.82
C ASP B 92 -3.15 -18.14 29.84
N VAL B 93 -3.38 -18.98 30.84
CA VAL B 93 -2.59 -20.17 31.08
C VAL B 93 -3.28 -21.46 30.63
N THR B 94 -4.47 -21.35 30.00
CA THR B 94 -5.30 -22.52 29.69
C THR B 94 -4.57 -23.67 29.02
N SER B 95 -3.67 -23.36 28.09
CA SER B 95 -2.94 -24.42 27.39
C SER B 95 -2.28 -25.38 28.40
N LEU B 96 -1.56 -24.85 29.37
CA LEU B 96 -0.84 -25.68 30.33
C LEU B 96 -1.72 -26.70 31.09
N MET B 97 -3.01 -26.40 31.26
CA MET B 97 -3.97 -27.30 31.93
C MET B 97 -4.70 -28.22 30.96
N LEU B 98 -5.41 -27.58 30.04
CA LEU B 98 -6.14 -28.22 28.95
C LEU B 98 -5.35 -29.26 28.15
N GLY B 99 -4.07 -29.00 27.86
CA GLY B 99 -3.29 -29.99 27.14
C GLY B 99 -3.29 -31.34 27.85
N PRO B 100 -2.80 -31.36 29.10
CA PRO B 100 -2.82 -32.51 30.03
C PRO B 100 -4.21 -33.05 30.30
N MET B 101 -5.16 -32.16 30.57
CA MET B 101 -6.57 -32.54 30.74
C MET B 101 -7.14 -33.39 29.58
N VAL B 102 -7.05 -32.87 28.35
CA VAL B 102 -7.58 -33.57 27.16
C VAL B 102 -6.74 -34.81 26.84
N ALA B 103 -5.41 -34.67 26.92
CA ALA B 103 -4.53 -35.82 26.73
C ALA B 103 -4.97 -36.92 27.68
N ALA B 104 -5.21 -36.54 28.93
CA ALA B 104 -5.65 -37.48 29.96
C ALA B 104 -7.06 -38.04 29.72
N CYS B 105 -7.77 -37.42 28.79
CA CYS B 105 -9.09 -37.88 28.38
C CYS B 105 -9.02 -38.79 27.13
N GLY B 106 -7.79 -39.14 26.71
CA GLY B 106 -7.55 -39.98 25.56
C GLY B 106 -7.58 -39.43 24.15
N GLY B 107 -6.83 -38.35 23.95
CA GLY B 107 -6.68 -37.74 22.65
C GLY B 107 -5.25 -37.23 22.56
N TYR B 108 -4.83 -36.76 21.40
CA TYR B 108 -3.41 -36.47 21.26
C TYR B 108 -3.21 -35.03 20.88
N VAL B 109 -2.40 -34.32 21.67
CA VAL B 109 -2.35 -32.87 21.56
C VAL B 109 -0.96 -32.32 21.28
N PRO B 110 -0.61 -32.25 19.98
CA PRO B 110 0.68 -31.72 19.58
C PRO B 110 0.67 -30.19 19.58
N MET B 111 0.73 -29.58 20.74
CA MET B 111 0.60 -28.13 20.76
C MET B 111 1.90 -27.55 20.23
N ILE B 112 1.78 -26.81 19.14
CA ILE B 112 2.94 -26.16 18.58
C ILE B 112 2.64 -24.67 18.66
N SER B 113 3.65 -23.90 19.04
CA SER B 113 3.45 -22.54 19.52
C SER B 113 4.60 -21.61 19.15
N GLY B 114 4.60 -20.44 19.80
CA GLY B 114 5.59 -19.42 19.53
C GLY B 114 5.90 -18.60 20.78
N ARG B 115 6.84 -17.68 20.65
CA ARG B 115 7.20 -16.79 21.75
C ARG B 115 6.12 -15.72 21.93
N GLY B 116 6.32 -14.81 22.89
CA GLY B 116 5.41 -13.70 23.09
C GLY B 116 5.68 -12.49 22.20
N LEU B 117 4.61 -11.81 21.79
CA LEU B 117 4.70 -10.55 21.04
C LEU B 117 3.63 -9.58 21.55
N GLY B 118 4.06 -8.35 21.85
CA GLY B 118 3.18 -7.37 22.44
C GLY B 118 2.89 -7.61 23.92
N HIS B 119 1.65 -7.30 24.31
CA HIS B 119 1.16 -7.43 25.69
C HIS B 119 0.89 -8.88 26.16
N THR B 120 0.93 -9.84 25.25
CA THR B 120 0.59 -11.23 25.56
C THR B 120 1.81 -12.14 25.55
N GLY B 121 2.07 -12.81 26.67
CA GLY B 121 3.22 -13.70 26.75
C GLY B 121 2.93 -14.99 26.01
N GLY B 122 3.95 -15.52 25.33
CA GLY B 122 3.82 -16.81 24.68
C GLY B 122 3.75 -17.93 25.72
N THR B 123 3.12 -19.04 25.36
CA THR B 123 3.05 -20.20 26.24
C THR B 123 4.44 -20.82 26.45
N LEU B 124 5.30 -20.69 25.42
CA LEU B 124 6.65 -21.24 25.45
C LEU B 124 7.62 -20.47 26.32
N ASP B 125 7.42 -19.16 26.39
CA ASP B 125 8.15 -18.36 27.35
C ASP B 125 7.74 -18.65 28.78
N LYS B 126 6.51 -19.13 28.96
CA LYS B 126 6.07 -19.51 30.30
C LYS B 126 6.72 -20.83 30.69
N LEU B 127 6.77 -21.76 29.75
CA LEU B 127 7.31 -23.10 30.01
C LEU B 127 8.82 -23.07 30.19
N GLU B 128 9.42 -21.96 29.78
CA GLU B 128 10.87 -21.81 29.84
C GLU B 128 11.35 -21.13 31.13
N ALA B 129 10.44 -20.87 32.05
CA ALA B 129 10.86 -20.53 33.41
C ALA B 129 11.11 -21.82 34.21
N ILE B 130 10.62 -22.96 33.70
CA ILE B 130 10.98 -24.27 34.23
C ILE B 130 12.40 -24.57 33.78
N PRO B 131 13.32 -24.78 34.73
CA PRO B 131 14.71 -25.07 34.37
C PRO B 131 14.89 -26.28 33.44
N GLY B 132 15.63 -26.02 32.37
CA GLY B 132 15.89 -27.02 31.36
C GLY B 132 14.79 -27.32 30.36
N PHE B 133 13.58 -26.79 30.54
CA PHE B 133 12.49 -27.15 29.63
C PHE B 133 12.85 -26.86 28.17
N ASP B 134 12.66 -27.88 27.35
CA ASP B 134 13.18 -27.91 25.99
C ASP B 134 12.05 -27.69 25.01
N ILE B 135 12.02 -26.50 24.40
CA ILE B 135 10.93 -26.14 23.49
C ILE B 135 11.24 -26.65 22.07
N PHE B 136 12.39 -27.30 21.90
CA PHE B 136 12.81 -27.79 20.60
C PHE B 136 13.31 -29.24 20.61
N PRO B 137 12.42 -30.21 20.90
CA PRO B 137 12.87 -31.60 20.68
C PRO B 137 13.06 -31.85 19.19
N ASP B 138 13.92 -32.77 18.77
CA ASP B 138 14.01 -33.05 17.34
C ASP B 138 12.91 -34.04 16.97
N ASP B 139 12.83 -34.37 15.69
CA ASP B 139 11.61 -34.96 15.11
C ASP B 139 11.13 -36.27 15.77
N ASN B 140 12.03 -37.20 16.07
CA ASN B 140 11.57 -38.44 16.69
C ASN B 140 11.29 -38.28 18.16
N ARG B 141 11.92 -37.29 18.77
CA ARG B 141 11.66 -36.97 20.15
C ARG B 141 10.23 -36.45 20.26
N PHE B 142 9.88 -35.54 19.37
CA PHE B 142 8.51 -35.01 19.26
C PHE B 142 7.48 -36.12 19.09
N ARG B 143 7.77 -37.06 18.21
CA ARG B 143 6.88 -38.18 17.92
C ARG B 143 6.78 -39.13 19.09
N GLU B 144 7.92 -39.34 19.74
CA GLU B 144 8.00 -40.24 20.89
C GLU B 144 7.12 -39.75 22.03
N ILE B 145 7.35 -38.52 22.48
CA ILE B 145 6.64 -37.94 23.62
C ILE B 145 5.11 -37.97 23.45
N ILE B 146 4.62 -37.66 22.25
CA ILE B 146 3.17 -37.65 21.95
C ILE B 146 2.58 -39.05 22.07
N GLN B 147 3.32 -40.06 21.62
CA GLN B 147 2.90 -41.44 21.75
C GLN B 147 2.77 -41.82 23.21
N ASP B 148 3.71 -41.32 24.01
CA ASP B 148 3.86 -41.74 25.40
C ASP B 148 2.98 -40.94 26.34
N VAL B 149 3.31 -39.65 26.49
CA VAL B 149 2.58 -38.76 27.39
C VAL B 149 1.15 -38.51 26.88
N GLY B 150 1.03 -38.26 25.57
CA GLY B 150 -0.23 -37.93 24.92
C GLY B 150 -0.35 -36.45 24.57
N VAL B 151 0.66 -35.68 24.96
CA VAL B 151 0.71 -34.25 24.73
C VAL B 151 2.16 -33.75 24.74
N ALA B 152 2.42 -32.63 24.09
CA ALA B 152 3.70 -31.95 24.21
C ALA B 152 3.50 -30.51 23.79
N ILE B 153 4.40 -29.61 24.22
CA ILE B 153 4.27 -28.21 23.86
C ILE B 153 5.62 -27.67 23.40
N ILE B 154 5.68 -27.26 22.14
CA ILE B 154 6.95 -26.89 21.55
C ILE B 154 6.82 -25.65 20.68
N GLY B 155 7.98 -25.09 20.34
CA GLY B 155 8.05 -24.06 19.32
C GLY B 155 8.05 -24.77 17.99
N GLN B 156 8.18 -24.02 16.91
CA GLN B 156 8.05 -24.63 15.61
C GLN B 156 9.37 -25.31 15.30
N THR B 157 9.30 -26.63 15.12
CA THR B 157 10.48 -27.47 14.91
C THR B 157 10.78 -27.52 13.42
N SER B 158 10.01 -26.76 12.65
CA SER B 158 10.13 -26.69 11.21
C SER B 158 9.73 -25.28 10.74
N SER B 159 9.55 -25.10 9.43
CA SER B 159 8.92 -23.88 8.96
C SER B 159 7.46 -24.17 8.60
N LEU B 160 6.55 -23.70 9.46
CA LEU B 160 5.12 -23.85 9.25
C LEU B 160 4.55 -22.52 8.78
N ALA B 161 4.09 -22.50 7.53
CA ALA B 161 3.55 -21.33 6.84
C ALA B 161 4.51 -20.13 6.78
N PRO B 162 5.67 -20.30 6.11
CA PRO B 162 6.67 -19.22 6.04
C PRO B 162 6.15 -17.98 5.33
N ALA B 163 5.19 -18.15 4.43
CA ALA B 163 4.65 -17.02 3.67
C ALA B 163 3.96 -15.98 4.56
N ASP B 164 3.60 -16.36 5.79
CA ASP B 164 2.95 -15.42 6.70
C ASP B 164 3.86 -14.29 7.16
N LYS B 165 5.17 -14.51 7.09
CA LYS B 165 6.08 -13.55 7.71
C LYS B 165 6.19 -12.20 6.98
N ARG B 166 6.53 -12.17 5.68
CA ARG B 166 6.55 -10.90 4.96
C ARG B 166 5.16 -10.30 4.88
N PHE B 167 4.17 -11.17 4.93
CA PHE B 167 2.79 -10.77 4.78
C PHE B 167 2.27 -10.16 6.08
N TYR B 168 2.61 -10.74 7.23
CA TYR B 168 2.16 -10.14 8.49
C TYR B 168 2.99 -8.89 8.81
N ALA B 169 4.30 -8.97 8.66
CA ALA B 169 5.15 -7.78 8.87
C ALA B 169 4.65 -6.57 8.07
N THR B 170 4.41 -6.78 6.77
CA THR B 170 3.90 -5.71 5.92
C THR B 170 2.52 -5.24 6.39
N ARG B 171 1.65 -6.17 6.78
CA ARG B 171 0.34 -5.82 7.34
C ARG B 171 0.46 -4.98 8.60
N ASP B 172 1.50 -5.26 9.38
CA ASP B 172 1.53 -4.70 10.71
C ASP B 172 1.99 -3.24 10.66
N ILE B 173 2.69 -2.84 9.59
CA ILE B 173 2.94 -1.42 9.39
C ILE B 173 2.03 -0.69 8.38
N THR B 174 1.18 -1.41 7.65
CA THR B 174 0.32 -0.75 6.66
C THR B 174 -1.13 -0.50 7.07
N ALA B 175 -1.47 -0.85 8.32
CA ALA B 175 -2.85 -0.80 8.84
C ALA B 175 -3.78 -1.81 8.16
N THR B 176 -3.19 -2.87 7.61
CA THR B 176 -3.95 -3.97 7.03
C THR B 176 -4.11 -5.25 7.88
N VAL B 177 -3.66 -5.25 9.14
CA VAL B 177 -3.86 -6.43 10.00
C VAL B 177 -5.35 -6.71 10.37
N ASP B 178 -6.16 -5.67 10.42
CA ASP B 178 -7.58 -5.73 10.81
C ASP B 178 -8.47 -6.59 9.89
N SER B 179 -7.92 -7.12 8.80
CA SER B 179 -8.73 -7.83 7.80
C SER B 179 -9.02 -9.30 8.10
N ILE B 180 -10.29 -9.62 8.26
CA ILE B 180 -10.70 -10.94 8.75
C ILE B 180 -10.18 -12.08 7.85
N PRO B 181 -10.26 -11.97 6.53
CA PRO B 181 -9.70 -13.07 5.73
C PRO B 181 -8.18 -13.22 5.87
N LEU B 182 -7.46 -12.12 6.06
CA LEU B 182 -6.00 -12.19 6.26
C LEU B 182 -5.64 -12.75 7.65
N ILE B 183 -6.24 -12.21 8.71
CA ILE B 183 -6.04 -12.78 10.05
C ILE B 183 -6.30 -14.26 10.00
N THR B 184 -7.48 -14.63 9.49
CA THR B 184 -7.92 -16.01 9.51
C THR B 184 -6.86 -16.90 8.92
N GLY B 185 -6.27 -16.47 7.81
CA GLY B 185 -5.22 -17.23 7.16
C GLY B 185 -3.98 -17.36 8.03
N SER B 186 -3.53 -16.24 8.61
CA SER B 186 -2.38 -16.24 9.51
C SER B 186 -2.59 -17.23 10.63
N ILE B 187 -3.70 -17.04 11.32
CA ILE B 187 -3.94 -17.67 12.60
C ILE B 187 -4.15 -19.16 12.37
N LEU B 188 -4.86 -19.50 11.29
CA LEU B 188 -5.21 -20.87 10.95
C LEU B 188 -4.11 -21.70 10.22
N ALA B 189 -3.27 -21.04 9.41
CA ALA B 189 -2.36 -21.78 8.53
C ALA B 189 -1.34 -22.59 9.33
N LYS B 190 -0.81 -22.00 10.40
CA LYS B 190 0.14 -22.72 11.23
C LYS B 190 -0.53 -23.90 11.92
N LYS B 191 -1.77 -23.71 12.37
CA LYS B 191 -2.50 -24.76 13.07
C LYS B 191 -2.93 -25.89 12.14
N LEU B 192 -3.42 -25.56 10.95
CA LEU B 192 -3.80 -26.60 10.01
C LEU B 192 -2.59 -27.45 9.59
N ALA B 193 -1.42 -26.83 9.52
CA ALA B 193 -0.22 -27.54 9.10
C ALA B 193 0.19 -28.58 10.12
N GLU B 194 -0.49 -28.58 11.27
CA GLU B 194 -0.21 -29.53 12.34
C GLU B 194 -0.84 -30.88 12.08
N GLY B 195 -1.73 -30.97 11.10
CA GLY B 195 -2.40 -32.23 10.80
C GLY B 195 -3.36 -32.72 11.88
N LEU B 196 -4.32 -31.87 12.24
CA LEU B 196 -5.28 -32.14 13.31
C LEU B 196 -6.56 -32.77 12.77
N ASP B 197 -7.15 -33.67 13.55
CA ASP B 197 -8.49 -34.13 13.26
C ASP B 197 -9.50 -33.08 13.81
N ALA B 198 -9.19 -32.42 14.92
CA ALA B 198 -10.09 -31.36 15.41
C ALA B 198 -9.36 -30.11 15.98
N LEU B 199 -10.08 -29.00 16.05
CA LEU B 199 -9.50 -27.77 16.60
C LEU B 199 -10.57 -26.94 17.29
N VAL B 200 -10.21 -26.32 18.42
CA VAL B 200 -11.09 -25.33 19.02
C VAL B 200 -10.38 -24.01 19.11
N MET B 201 -11.09 -22.96 18.74
CA MET B 201 -10.53 -21.62 18.71
C MET B 201 -11.09 -20.79 19.83
N ASP B 202 -10.19 -20.16 20.55
CA ASP B 202 -10.56 -19.25 21.60
C ASP B 202 -10.32 -17.84 21.12
N VAL B 203 -11.41 -17.11 20.86
CA VAL B 203 -11.33 -15.72 20.46
C VAL B 203 -11.70 -14.86 21.64
N LYS B 204 -10.73 -14.12 22.15
CA LYS B 204 -10.95 -13.25 23.29
C LYS B 204 -11.77 -12.03 22.89
N VAL B 205 -12.64 -11.61 23.78
CA VAL B 205 -13.40 -10.39 23.60
C VAL B 205 -13.08 -9.43 24.75
N GLY B 206 -13.33 -8.13 24.52
CA GLY B 206 -13.04 -7.09 25.49
C GLY B 206 -11.75 -6.34 25.26
N SER B 207 -11.25 -5.69 26.30
CA SER B 207 -10.02 -4.90 26.21
C SER B 207 -8.81 -5.73 25.77
N GLY B 208 -8.93 -7.04 25.87
CA GLY B 208 -7.89 -7.93 25.40
C GLY B 208 -8.25 -8.63 24.11
N ALA B 209 -9.34 -8.19 23.48
CA ALA B 209 -9.68 -8.72 22.17
C ALA B 209 -8.70 -8.19 21.14
N PHE B 210 -8.28 -9.06 20.23
CA PHE B 210 -7.40 -8.70 19.12
C PHE B 210 -8.11 -7.73 18.20
N MET B 211 -9.40 -7.96 18.00
CA MET B 211 -10.21 -7.12 17.14
C MET B 211 -10.70 -5.85 17.84
N PRO B 212 -10.73 -4.74 17.08
CA PRO B 212 -11.16 -3.41 17.59
C PRO B 212 -12.55 -3.42 18.21
N THR B 213 -13.39 -4.39 17.87
CA THR B 213 -14.79 -4.46 18.32
C THR B 213 -15.28 -5.91 18.54
N TYR B 214 -16.27 -6.07 19.43
CA TYR B 214 -16.85 -7.39 19.68
C TYR B 214 -17.44 -7.98 18.40
N GLU B 215 -17.99 -7.12 17.55
CA GLU B 215 -18.70 -7.57 16.36
C GLU B 215 -17.73 -7.95 15.25
N LEU B 216 -16.53 -7.35 15.27
CA LEU B 216 -15.40 -7.86 14.49
C LEU B 216 -14.86 -9.19 15.06
N SER B 217 -14.92 -9.33 16.38
CA SER B 217 -14.52 -10.58 17.06
C SER B 217 -15.37 -11.81 16.69
N GLU B 218 -16.70 -11.66 16.69
CA GLU B 218 -17.60 -12.70 16.19
C GLU B 218 -17.27 -13.11 14.77
N ALA B 219 -17.18 -12.12 13.89
CA ALA B 219 -16.87 -12.39 12.50
C ALA B 219 -15.58 -13.18 12.39
N LEU B 220 -14.58 -12.81 13.18
CA LEU B 220 -13.31 -13.55 13.18
C LEU B 220 -13.52 -14.97 13.62
N ALA B 221 -14.16 -15.12 14.77
CA ALA B 221 -14.48 -16.46 15.25
C ALA B 221 -15.28 -17.22 14.18
N GLU B 222 -16.27 -16.54 13.62
CA GLU B 222 -17.14 -17.18 12.63
C GLU B 222 -16.36 -17.56 11.38
N ALA B 223 -15.49 -16.67 10.91
CA ALA B 223 -14.69 -16.92 9.70
C ALA B 223 -13.69 -18.08 9.90
N ILE B 224 -13.05 -18.12 11.06
CA ILE B 224 -12.14 -19.21 11.43
C ILE B 224 -12.84 -20.59 11.44
N VAL B 225 -14.01 -20.65 12.07
CA VAL B 225 -14.80 -21.88 12.10
C VAL B 225 -15.20 -22.38 10.69
N GLY B 226 -15.60 -21.47 9.82
CA GLY B 226 -15.99 -21.84 8.49
C GLY B 226 -14.84 -22.43 7.69
N VAL B 227 -13.71 -21.73 7.71
CA VAL B 227 -12.56 -22.10 6.89
C VAL B 227 -11.91 -23.40 7.34
N ALA B 228 -11.75 -23.53 8.64
CA ALA B 228 -11.18 -24.74 9.21
C ALA B 228 -12.00 -25.95 8.78
N ASN B 229 -13.32 -25.87 8.95
CA ASN B 229 -14.18 -26.95 8.51
C ASN B 229 -14.11 -27.15 7.01
N GLY B 230 -13.94 -26.06 6.27
CA GLY B 230 -13.75 -26.14 4.83
C GLY B 230 -12.39 -26.73 4.50
N ALA B 231 -11.46 -26.63 5.43
CA ALA B 231 -10.12 -27.17 5.23
C ALA B 231 -10.02 -28.63 5.67
N GLY B 232 -11.11 -29.17 6.18
CA GLY B 232 -11.18 -30.57 6.57
C GLY B 232 -11.13 -30.87 8.07
N VAL B 233 -10.96 -29.84 8.90
CA VAL B 233 -10.86 -30.01 10.35
C VAL B 233 -12.12 -29.63 11.11
N ARG B 234 -12.58 -30.49 12.01
CA ARG B 234 -13.80 -30.21 12.76
C ARG B 234 -13.45 -29.21 13.83
N THR B 235 -14.10 -28.06 13.74
CA THR B 235 -13.67 -26.86 14.41
C THR B 235 -14.86 -26.17 15.00
N THR B 236 -14.70 -25.72 16.23
CA THR B 236 -15.67 -24.84 16.83
C THR B 236 -14.88 -23.71 17.50
N ALA B 237 -15.55 -22.63 17.84
CA ALA B 237 -14.87 -21.54 18.55
C ALA B 237 -15.70 -21.04 19.69
N LEU B 238 -15.03 -20.62 20.74
CA LEU B 238 -15.67 -19.91 21.84
C LEU B 238 -15.22 -18.46 21.82
N LEU B 239 -16.16 -17.57 22.10
CA LEU B 239 -15.84 -16.21 22.44
C LEU B 239 -15.79 -16.13 23.96
N THR B 240 -14.60 -15.84 24.50
CA THR B 240 -14.37 -15.79 25.96
C THR B 240 -13.86 -14.44 26.40
N ASP B 241 -14.10 -14.09 27.66
CA ASP B 241 -13.85 -12.73 28.13
C ASP B 241 -12.38 -12.44 28.36
N MET B 242 -11.79 -11.44 27.69
CA MET B 242 -10.65 -10.87 28.36
C MET B 242 -10.96 -9.43 28.63
N ASN B 243 -11.57 -9.14 29.77
CA ASN B 243 -11.69 -7.78 30.26
C ASN B 243 -10.78 -7.54 31.46
N GLN B 244 -10.09 -8.60 31.85
CA GLN B 244 -9.19 -8.59 33.00
C GLN B 244 -8.28 -9.80 32.86
N VAL B 245 -7.39 -9.99 33.82
CA VAL B 245 -6.52 -11.16 33.78
C VAL B 245 -7.41 -12.37 33.89
N LEU B 246 -7.16 -13.39 33.09
CA LEU B 246 -7.96 -14.61 33.20
C LEU B 246 -7.60 -15.36 34.47
N ALA B 247 -6.31 -15.65 34.63
CA ALA B 247 -5.81 -16.28 35.84
C ALA B 247 -5.72 -15.26 36.95
N SER B 248 -5.25 -15.71 38.11
CA SER B 248 -5.02 -14.80 39.23
C SER B 248 -3.64 -14.18 39.16
N SER B 249 -2.83 -14.68 38.24
CA SER B 249 -1.47 -14.19 38.11
C SER B 249 -1.17 -13.93 36.65
N ALA B 250 -0.12 -13.17 36.41
CA ALA B 250 0.45 -13.07 35.08
C ALA B 250 1.96 -12.98 35.18
N GLY B 251 2.64 -13.63 34.24
CA GLY B 251 4.09 -13.64 34.20
C GLY B 251 4.50 -14.93 33.51
N ASN B 252 5.71 -15.38 33.78
CA ASN B 252 6.13 -16.65 33.23
C ASN B 252 6.18 -17.69 34.34
N ALA B 253 7.20 -17.59 35.20
CA ALA B 253 7.28 -18.44 36.37
C ALA B 253 6.02 -18.35 37.27
N VAL B 254 5.51 -17.15 37.54
CA VAL B 254 4.32 -17.06 38.41
C VAL B 254 3.11 -17.78 37.79
N GLU B 255 3.01 -17.75 36.47
CA GLU B 255 1.92 -18.42 35.75
C GLU B 255 2.03 -19.93 35.77
N VAL B 256 3.25 -20.44 35.63
CA VAL B 256 3.51 -21.87 35.71
C VAL B 256 3.06 -22.41 37.06
N ARG B 257 3.39 -21.66 38.11
CA ARG B 257 3.01 -22.03 39.47
C ARG B 257 1.49 -22.18 39.61
N GLU B 258 0.75 -21.12 39.26
CA GLU B 258 -0.72 -21.15 39.36
C GLU B 258 -1.24 -22.26 38.45
N ALA B 259 -0.61 -22.40 37.29
CA ALA B 259 -0.98 -23.45 36.34
C ALA B 259 -0.98 -24.83 36.98
N VAL B 260 0.13 -25.13 37.66
CA VAL B 260 0.29 -26.41 38.34
C VAL B 260 -0.72 -26.55 39.47
N GLN B 261 -0.83 -25.50 40.28
CA GLN B 261 -1.79 -25.46 41.38
C GLN B 261 -3.21 -25.76 40.90
N PHE B 262 -3.57 -25.28 39.71
CA PHE B 262 -4.89 -25.55 39.16
C PHE B 262 -5.07 -27.06 39.07
N LEU B 263 -4.13 -27.69 38.38
CA LEU B 263 -4.17 -29.13 38.11
C LEU B 263 -4.19 -30.00 39.39
N THR B 264 -3.26 -29.74 40.31
CA THR B 264 -3.19 -30.54 41.54
C THR B 264 -4.35 -30.26 42.49
N GLY B 265 -5.05 -29.14 42.29
CA GLY B 265 -6.26 -28.84 43.06
C GLY B 265 -6.07 -27.85 44.19
N GLU B 266 -4.83 -27.39 44.37
CA GLU B 266 -4.52 -26.37 45.37
C GLU B 266 -5.43 -25.15 45.24
N TYR B 267 -5.49 -24.58 44.04
CA TYR B 267 -6.38 -23.44 43.75
C TYR B 267 -6.94 -23.56 42.35
N ARG B 268 -8.24 -23.31 42.19
CA ARG B 268 -8.77 -23.16 40.85
C ARG B 268 -9.55 -21.86 40.69
N ASN B 269 -9.00 -20.93 39.92
CA ASN B 269 -9.68 -19.69 39.61
C ASN B 269 -10.97 -20.00 38.85
N PRO B 270 -12.12 -19.57 39.39
CA PRO B 270 -13.41 -19.95 38.78
C PRO B 270 -13.53 -19.51 37.32
N ARG B 271 -13.07 -18.30 37.01
CA ARG B 271 -13.16 -17.80 35.65
C ARG B 271 -12.25 -18.58 34.70
N LEU B 272 -10.97 -18.75 35.08
CA LEU B 272 -10.05 -19.64 34.39
C LEU B 272 -10.66 -21.02 34.24
N PHE B 273 -11.30 -21.48 35.31
CA PHE B 273 -11.99 -22.76 35.29
C PHE B 273 -13.05 -22.75 34.20
N ASP B 274 -13.94 -21.76 34.23
CA ASP B 274 -15.03 -21.70 33.27
C ASP B 274 -14.52 -21.88 31.85
N VAL B 275 -13.56 -21.03 31.46
CA VAL B 275 -13.03 -21.03 30.10
C VAL B 275 -12.32 -22.35 29.78
N THR B 276 -11.46 -22.81 30.70
CA THR B 276 -10.69 -24.03 30.46
C THR B 276 -11.62 -25.21 30.19
N MET B 277 -12.60 -25.38 31.06
CA MET B 277 -13.54 -26.48 30.94
C MET B 277 -14.26 -26.45 29.60
N ALA B 278 -14.79 -25.30 29.25
CA ALA B 278 -15.56 -25.13 28.03
C ALA B 278 -14.72 -25.42 26.78
N LEU B 279 -13.46 -24.98 26.78
CA LEU B 279 -12.56 -25.27 25.68
C LEU B 279 -12.36 -26.80 25.60
N CYS B 280 -12.12 -27.43 26.75
CA CYS B 280 -11.95 -28.89 26.78
C CYS B 280 -13.18 -29.63 26.29
N VAL B 281 -14.36 -29.19 26.72
CA VAL B 281 -15.64 -29.78 26.28
C VAL B 281 -15.75 -29.78 24.76
N GLU B 282 -15.34 -28.67 24.15
CA GLU B 282 -15.28 -28.57 22.69
C GLU B 282 -14.37 -29.61 22.07
N MET B 283 -13.12 -29.69 22.55
CA MET B 283 -12.16 -30.68 22.06
C MET B 283 -12.69 -32.09 22.16
N LEU B 284 -13.35 -32.42 23.28
CA LEU B 284 -13.91 -33.76 23.49
C LEU B 284 -15.12 -34.03 22.58
N ILE B 285 -16.00 -33.05 22.42
CA ILE B 285 -17.17 -33.26 21.56
C ILE B 285 -16.75 -33.36 20.08
N SER B 286 -15.88 -32.46 19.64
CA SER B 286 -15.46 -32.39 18.24
C SER B 286 -14.51 -33.54 17.86
N GLY B 287 -13.65 -33.92 18.80
CA GLY B 287 -12.78 -35.07 18.64
C GLY B 287 -13.49 -36.38 18.94
N GLN B 288 -14.80 -36.28 19.11
CA GLN B 288 -15.67 -37.43 19.33
C GLN B 288 -15.17 -38.35 20.42
N LEU B 289 -14.70 -37.75 21.50
CA LEU B 289 -14.36 -38.47 22.74
C LEU B 289 -15.51 -38.41 23.75
N ALA B 290 -16.64 -37.85 23.33
CA ALA B 290 -17.87 -37.73 24.15
C ALA B 290 -19.00 -37.13 23.34
N LYS B 291 -20.24 -37.35 23.79
CA LYS B 291 -21.40 -37.00 22.98
C LYS B 291 -22.14 -35.69 23.29
N ASP B 292 -21.80 -35.00 24.37
CA ASP B 292 -22.42 -33.71 24.70
C ASP B 292 -21.66 -33.02 25.84
N ASP B 293 -22.07 -31.81 26.18
CA ASP B 293 -21.39 -31.06 27.23
C ASP B 293 -21.41 -31.87 28.51
N ALA B 294 -22.59 -32.33 28.89
CA ALA B 294 -22.77 -33.05 30.15
C ALA B 294 -21.75 -34.19 30.35
N GLU B 295 -21.67 -35.10 29.38
CA GLU B 295 -20.75 -36.23 29.44
C GLU B 295 -19.30 -35.78 29.45
N ALA B 296 -19.01 -34.76 28.63
CA ALA B 296 -17.68 -34.20 28.52
C ALA B 296 -17.24 -33.58 29.85
N ARG B 297 -18.16 -32.88 30.50
CA ARG B 297 -17.84 -32.28 31.80
C ARG B 297 -17.61 -33.32 32.89
N ALA B 298 -18.41 -34.41 32.87
CA ALA B 298 -18.19 -35.53 33.78
C ALA B 298 -16.74 -36.00 33.76
N LYS B 299 -16.23 -36.19 32.53
CA LYS B 299 -14.92 -36.83 32.31
C LYS B 299 -13.74 -35.95 32.70
N LEU B 300 -13.87 -34.66 32.39
CA LEU B 300 -12.83 -33.72 32.70
C LEU B 300 -12.83 -33.42 34.21
N GLN B 301 -14.01 -33.43 34.83
CA GLN B 301 -14.11 -33.28 36.29
C GLN B 301 -13.39 -34.43 37.00
N ALA B 302 -13.63 -35.65 36.51
CA ALA B 302 -13.00 -36.86 37.02
C ALA B 302 -11.47 -36.79 36.97
N VAL B 303 -10.91 -36.52 35.81
CA VAL B 303 -9.48 -36.41 35.66
C VAL B 303 -8.88 -35.22 36.41
N LEU B 304 -9.72 -34.23 36.69
CA LEU B 304 -9.28 -33.08 37.50
C LEU B 304 -9.26 -33.45 38.99
N ASP B 305 -10.29 -34.17 39.45
N ASP B 305 -10.28 -34.18 39.46
CA ASP B 305 -10.34 -34.55 40.86
CA ASP B 305 -10.35 -34.55 40.87
C ASP B 305 -9.52 -35.80 41.21
C ASP B 305 -9.61 -35.84 41.24
N ASN B 306 -9.33 -36.69 40.25
CA ASN B 306 -8.58 -37.94 40.51
C ASN B 306 -7.09 -37.89 40.18
N GLY B 307 -6.59 -36.72 39.81
CA GLY B 307 -5.16 -36.50 39.65
C GLY B 307 -4.46 -36.91 38.37
N LYS B 308 -5.17 -37.57 37.45
CA LYS B 308 -4.56 -38.04 36.22
C LYS B 308 -4.03 -36.90 35.34
N ALA B 309 -4.73 -35.77 35.30
CA ALA B 309 -4.33 -34.64 34.46
C ALA B 309 -3.05 -33.98 34.98
N ALA B 310 -3.03 -33.72 36.29
CA ALA B 310 -1.82 -33.25 36.96
C ALA B 310 -0.63 -34.18 36.65
N GLU B 311 -0.89 -35.48 36.67
CA GLU B 311 0.11 -36.50 36.33
C GLU B 311 0.66 -36.35 34.93
N VAL B 312 -0.25 -36.25 33.97
CA VAL B 312 0.11 -36.10 32.57
C VAL B 312 1.06 -34.91 32.42
N PHE B 313 0.81 -33.87 33.21
CA PHE B 313 1.61 -32.64 33.16
C PHE B 313 3.07 -32.84 33.59
N GLY B 314 3.29 -33.53 34.70
CA GLY B 314 4.64 -33.89 35.16
C GLY B 314 5.45 -34.74 34.18
N ARG B 315 4.86 -35.83 33.70
CA ARG B 315 5.47 -36.69 32.67
C ARG B 315 5.97 -35.84 31.53
N MET B 316 5.11 -34.91 31.15
CA MET B 316 5.38 -34.05 30.02
C MET B 316 6.50 -33.04 30.31
N VAL B 317 6.70 -32.71 31.59
CA VAL B 317 7.81 -31.80 31.96
C VAL B 317 9.14 -32.56 31.98
N ALA B 318 9.12 -33.79 32.46
CA ALA B 318 10.31 -34.65 32.46
C ALA B 318 10.70 -35.09 31.03
N ALA B 319 9.69 -35.51 30.25
CA ALA B 319 9.90 -35.86 28.85
C ALA B 319 10.52 -34.72 28.05
N GLN B 320 10.16 -33.49 28.42
CA GLN B 320 10.64 -32.25 27.79
C GLN B 320 11.85 -31.63 28.51
N LYS B 321 12.44 -32.43 29.39
CA LYS B 321 13.72 -32.18 30.10
C LYS B 321 13.77 -31.13 31.20
N GLY B 322 12.64 -30.81 31.80
CA GLY B 322 12.64 -30.05 33.04
C GLY B 322 12.54 -31.09 34.13
N PRO B 323 12.61 -30.68 35.40
CA PRO B 323 12.67 -31.63 36.51
C PRO B 323 11.53 -32.66 36.50
N SER B 324 11.81 -33.90 36.88
CA SER B 324 10.82 -34.98 36.84
C SER B 324 9.98 -35.06 38.11
N ASP B 325 10.46 -34.40 39.15
CA ASP B 325 9.70 -34.22 40.37
C ASP B 325 8.97 -32.86 40.39
N PHE B 326 9.00 -32.15 39.27
CA PHE B 326 8.50 -30.76 39.21
C PHE B 326 7.12 -30.52 39.80
N VAL B 327 6.16 -31.40 39.51
CA VAL B 327 4.80 -31.19 40.05
C VAL B 327 4.85 -31.02 41.56
N GLU B 328 5.48 -31.97 42.24
CA GLU B 328 5.61 -31.95 43.69
C GLU B 328 6.42 -30.72 44.16
N ASN B 329 7.62 -30.60 43.62
CA ASN B 329 8.64 -29.64 44.12
C ASN B 329 8.80 -28.26 43.48
N TYR B 330 7.85 -27.85 42.63
CA TYR B 330 8.03 -26.67 41.75
C TYR B 330 8.68 -25.43 42.39
N ASP B 331 8.35 -25.13 43.66
CA ASP B 331 8.92 -23.97 44.38
C ASP B 331 10.44 -24.02 44.59
N LYS B 332 11.05 -25.18 44.41
CA LYS B 332 12.51 -25.32 44.48
C LYS B 332 13.15 -24.84 43.17
N TYR B 333 12.46 -25.14 42.07
CA TYR B 333 12.91 -24.82 40.72
C TYR B 333 12.65 -23.41 40.21
N LEU B 334 11.45 -22.90 40.49
CA LEU B 334 11.01 -21.63 39.93
C LEU B 334 11.68 -20.47 40.66
N PRO B 335 12.37 -19.60 39.90
CA PRO B 335 13.12 -18.47 40.49
C PRO B 335 12.21 -17.40 41.09
N THR B 336 12.46 -17.01 42.34
CA THR B 336 11.66 -15.98 43.00
C THR B 336 12.14 -14.63 42.46
N ALA B 337 11.27 -13.62 42.44
CA ALA B 337 11.75 -12.31 41.99
C ALA B 337 12.59 -11.71 43.10
N MET B 338 13.21 -10.58 42.81
CA MET B 338 14.09 -9.97 43.81
C MET B 338 13.27 -9.21 44.84
N LEU B 339 12.14 -8.67 44.39
CA LEU B 339 11.34 -7.83 45.25
C LEU B 339 9.83 -8.14 45.16
N SER B 340 9.23 -8.66 46.23
CA SER B 340 7.78 -8.91 46.21
C SER B 340 7.05 -8.03 47.20
N LYS B 341 6.35 -7.03 46.69
CA LYS B 341 5.48 -6.26 47.57
C LYS B 341 4.20 -5.89 46.84
N ALA B 342 3.11 -5.97 47.59
CA ALA B 342 1.81 -5.61 47.09
C ALA B 342 1.77 -4.14 46.72
N VAL B 343 0.93 -3.82 45.74
CA VAL B 343 0.80 -2.44 45.30
C VAL B 343 -0.62 -2.00 45.61
N TYR B 344 -0.78 -0.77 46.09
CA TYR B 344 -2.09 -0.30 46.52
C TYR B 344 -2.62 0.82 45.65
N ALA B 345 -3.94 0.88 45.49
CA ALA B 345 -4.57 1.97 44.77
C ALA B 345 -4.37 3.25 45.57
N ASP B 346 -4.45 4.40 44.91
CA ASP B 346 -4.34 5.64 45.64
C ASP B 346 -5.72 6.22 45.95
N THR B 347 -6.76 5.54 45.48
CA THR B 347 -8.12 5.86 45.92
C THR B 347 -8.82 4.60 46.34
N GLU B 348 -10.06 4.77 46.80
CA GLU B 348 -10.87 3.66 47.24
C GLU B 348 -12.11 3.51 46.36
N GLY B 349 -12.42 2.28 45.98
CA GLY B 349 -13.62 2.05 45.18
C GLY B 349 -13.53 0.74 44.47
N PHE B 350 -14.57 0.45 43.68
CA PHE B 350 -14.64 -0.80 42.94
C PHE B 350 -13.76 -0.78 41.71
N ILE B 351 -13.36 -1.95 41.22
CA ILE B 351 -12.57 -1.97 40.00
C ILE B 351 -13.55 -2.06 38.85
N SER B 352 -13.68 -0.93 38.17
CA SER B 352 -14.55 -0.76 37.03
C SER B 352 -13.90 -1.21 35.74
N ALA B 353 -12.64 -0.86 35.59
CA ALA B 353 -11.96 -1.24 34.36
C ALA B 353 -10.57 -1.80 34.64
N MET B 354 -10.14 -2.72 33.77
CA MET B 354 -8.78 -3.24 33.79
C MET B 354 -8.22 -3.27 32.37
N ASP B 355 -7.11 -2.55 32.14
CA ASP B 355 -6.58 -2.49 30.80
C ASP B 355 -5.58 -3.64 30.73
N THR B 356 -5.94 -4.71 30.03
CA THR B 356 -5.14 -5.92 30.10
C THR B 356 -3.91 -5.75 29.25
N ARG B 357 -4.08 -5.06 28.14
CA ARG B 357 -2.99 -4.80 27.22
C ARG B 357 -1.90 -4.07 28.01
N ALA B 358 -2.30 -3.00 28.68
CA ALA B 358 -1.40 -2.19 29.47
C ALA B 358 -0.69 -3.02 30.53
N LEU B 359 -1.32 -4.13 30.91
CA LEU B 359 -0.78 -5.02 31.94
C LEU B 359 0.34 -5.90 31.40
N GLY B 360 0.14 -6.51 30.24
CA GLY B 360 1.17 -7.37 29.71
C GLY B 360 2.36 -6.51 29.37
N MET B 361 2.07 -5.33 28.85
CA MET B 361 3.11 -4.35 28.55
C MET B 361 3.79 -3.84 29.81
N ALA B 362 3.12 -3.94 30.96
CA ALA B 362 3.78 -3.67 32.23
C ALA B 362 4.77 -4.79 32.56
N VAL B 363 4.37 -6.03 32.25
CA VAL B 363 5.24 -7.17 32.50
C VAL B 363 6.46 -7.12 31.60
N VAL B 364 6.25 -6.80 30.32
CA VAL B 364 7.36 -6.73 29.35
C VAL B 364 8.44 -5.74 29.80
N SER B 365 8.00 -4.58 30.27
CA SER B 365 8.91 -3.53 30.71
C SER B 365 9.64 -3.95 31.97
N MET B 366 9.06 -4.88 32.72
CA MET B 366 9.70 -5.43 33.92
C MET B 366 10.83 -6.36 33.54
N GLY B 367 10.84 -6.77 32.27
CA GLY B 367 11.73 -7.80 31.80
C GLY B 367 10.98 -9.11 31.61
N GLY B 368 9.67 -9.06 31.72
CA GLY B 368 8.83 -10.23 31.56
C GLY B 368 8.66 -10.65 30.11
N GLY B 369 8.60 -9.68 29.21
CA GLY B 369 8.52 -9.95 27.78
C GLY B 369 9.78 -9.61 26.99
N ARG B 370 9.68 -9.61 25.66
CA ARG B 370 10.75 -9.14 24.77
C ARG B 370 10.20 -8.28 23.65
N ARG B 371 10.67 -7.05 23.52
CA ARG B 371 10.23 -6.23 22.39
C ARG B 371 11.03 -6.59 21.17
N GLN B 372 12.32 -6.83 21.37
CA GLN B 372 13.13 -7.47 20.33
C GLN B 372 13.09 -8.98 20.62
N ALA B 373 13.06 -9.81 19.59
CA ALA B 373 13.17 -11.25 19.79
C ALA B 373 14.60 -11.57 20.23
N SER B 374 15.46 -10.55 20.24
CA SER B 374 16.83 -10.70 20.63
C SER B 374 17.04 -10.48 22.13
N ASP B 375 15.97 -10.22 22.87
CA ASP B 375 16.12 -9.94 24.31
C ASP B 375 16.40 -11.10 25.24
N THR B 376 16.58 -10.70 26.49
CA THR B 376 16.85 -11.60 27.61
C THR B 376 15.65 -11.53 28.55
N ILE B 377 14.93 -12.63 28.69
CA ILE B 377 13.78 -12.65 29.58
C ILE B 377 14.21 -12.97 31.00
N ASP B 378 13.75 -12.14 31.94
CA ASP B 378 13.83 -12.48 33.36
C ASP B 378 12.53 -13.19 33.70
N TYR B 379 12.63 -14.47 34.06
CA TYR B 379 11.46 -15.33 34.12
C TYR B 379 10.62 -15.18 35.39
N SER B 380 11.23 -14.59 36.42
CA SER B 380 10.60 -14.44 37.72
C SER B 380 9.60 -13.28 37.85
N VAL B 381 9.83 -12.19 37.12
CA VAL B 381 9.06 -10.95 37.34
C VAL B 381 7.60 -11.07 36.91
N GLY B 382 6.72 -10.26 37.50
CA GLY B 382 5.32 -10.39 37.15
C GLY B 382 4.34 -10.01 38.23
N PHE B 383 3.12 -10.55 38.12
CA PHE B 383 2.00 -10.19 38.99
C PHE B 383 1.27 -11.40 39.57
N THR B 384 0.90 -11.34 40.84
CA THR B 384 0.11 -12.42 41.44
C THR B 384 -1.02 -11.91 42.33
N ASP B 385 -1.93 -12.81 42.70
CA ASP B 385 -3.13 -12.46 43.45
C ASP B 385 -3.83 -11.24 42.85
N MET B 386 -4.06 -11.29 41.55
CA MET B 386 -4.71 -10.19 40.87
C MET B 386 -6.08 -9.93 41.46
N ALA B 387 -6.34 -8.67 41.75
CA ALA B 387 -7.70 -8.22 42.06
C ALA B 387 -8.54 -8.40 40.80
N ARG B 388 -9.85 -8.47 40.96
CA ARG B 388 -10.70 -8.70 39.79
C ARG B 388 -11.78 -7.63 39.69
N LEU B 389 -12.35 -7.45 38.50
CA LEU B 389 -13.40 -6.45 38.26
C LEU B 389 -14.47 -6.65 39.30
N GLY B 390 -14.96 -5.57 39.89
CA GLY B 390 -16.02 -5.65 40.89
C GLY B 390 -15.53 -5.69 42.32
N ASP B 391 -14.25 -6.00 42.52
CA ASP B 391 -13.66 -6.01 43.86
C ASP B 391 -13.66 -4.63 44.48
N SER B 392 -14.00 -4.57 45.75
CA SER B 392 -13.95 -3.32 46.49
C SER B 392 -12.57 -3.16 47.14
N ILE B 393 -11.92 -2.04 46.81
CA ILE B 393 -10.52 -1.79 47.12
C ILE B 393 -10.38 -0.66 48.16
N ASP B 394 -9.64 -0.95 49.23
CA ASP B 394 -9.29 0.08 50.19
C ASP B 394 -7.83 -0.08 50.56
N GLY B 395 -7.37 0.72 51.54
CA GLY B 395 -5.98 0.77 51.95
C GLY B 395 -5.36 -0.56 52.33
N GLN B 396 -6.17 -1.52 52.75
CA GLN B 396 -5.66 -2.83 53.11
C GLN B 396 -5.76 -3.88 51.98
N ARG B 397 -6.34 -3.52 50.85
CA ARG B 397 -6.57 -4.51 49.79
C ARG B 397 -5.76 -4.17 48.56
N PRO B 398 -4.77 -5.02 48.27
CA PRO B 398 -3.78 -4.87 47.19
C PRO B 398 -4.38 -5.09 45.80
N LEU B 399 -3.93 -4.34 44.81
CA LEU B 399 -4.39 -4.56 43.43
C LEU B 399 -3.77 -5.85 42.92
N ALA B 400 -2.49 -6.01 43.26
CA ALA B 400 -1.73 -7.22 42.97
C ALA B 400 -0.50 -7.29 43.86
N VAL B 401 0.12 -8.46 43.94
CA VAL B 401 1.49 -8.56 44.41
C VAL B 401 2.45 -8.45 43.20
N ILE B 402 3.30 -7.42 43.19
CA ILE B 402 4.27 -7.18 42.12
C ILE B 402 5.65 -7.78 42.40
N HIS B 403 6.20 -8.49 41.40
CA HIS B 403 7.52 -9.14 41.45
C HIS B 403 8.54 -8.52 40.46
N ALA B 404 9.53 -7.79 40.98
CA ALA B 404 10.39 -6.91 40.15
C ALA B 404 11.87 -6.96 40.56
N LYS B 405 12.77 -6.86 39.59
CA LYS B 405 14.20 -7.05 39.87
C LYS B 405 14.75 -6.09 40.92
N ASP B 406 14.22 -4.88 40.94
CA ASP B 406 14.68 -3.84 41.84
C ASP B 406 13.58 -2.84 42.05
N GLU B 407 13.68 -2.08 43.13
CA GLU B 407 12.64 -1.13 43.50
C GLU B 407 12.37 -0.10 42.41
N ALA B 408 13.36 0.13 41.56
CA ALA B 408 13.20 1.05 40.43
C ALA B 408 12.28 0.47 39.33
N SER B 409 12.39 -0.83 39.03
CA SER B 409 11.46 -1.46 38.09
C SER B 409 10.12 -1.76 38.78
N TRP B 410 10.15 -1.92 40.11
CA TRP B 410 8.94 -2.09 40.89
C TRP B 410 8.08 -0.82 40.79
N GLN B 411 8.67 0.32 41.11
CA GLN B 411 7.94 1.58 41.14
C GLN B 411 7.48 2.01 39.74
N GLU B 412 8.16 1.51 38.71
CA GLU B 412 7.70 1.70 37.34
C GLU B 412 6.52 0.77 37.04
N ALA B 413 6.63 -0.50 37.46
CA ALA B 413 5.56 -1.46 37.27
C ALA B 413 4.32 -1.03 38.07
N ALA B 414 4.54 -0.61 39.31
CA ALA B 414 3.44 -0.20 40.15
C ALA B 414 2.69 0.95 39.50
N LYS B 415 3.45 1.91 38.99
CA LYS B 415 2.88 2.99 38.20
C LYS B 415 1.95 2.45 37.10
N ALA B 416 2.40 1.38 36.43
CA ALA B 416 1.69 0.80 35.29
C ALA B 416 0.41 0.07 35.70
N VAL B 417 0.46 -0.57 36.85
CA VAL B 417 -0.69 -1.26 37.42
C VAL B 417 -1.74 -0.23 37.81
N LYS B 418 -1.33 0.85 38.45
CA LYS B 418 -2.29 1.90 38.77
C LYS B 418 -2.78 2.62 37.51
N ALA B 419 -2.02 2.54 36.43
CA ALA B 419 -2.48 3.02 35.12
C ALA B 419 -3.40 1.99 34.43
N ALA B 420 -3.13 0.71 34.72
CA ALA B 420 -3.93 -0.40 34.22
C ALA B 420 -5.37 -0.39 34.71
N ILE B 421 -5.58 0.05 35.95
CA ILE B 421 -6.84 -0.14 36.64
C ILE B 421 -7.58 1.14 36.99
N ILE B 422 -8.86 1.19 36.64
CA ILE B 422 -9.75 2.31 37.00
C ILE B 422 -10.69 1.93 38.14
N LEU B 423 -10.84 2.82 39.11
CA LEU B 423 -11.77 2.63 40.21
C LEU B 423 -12.91 3.60 40.06
N ASP B 424 -14.09 3.25 40.57
CA ASP B 424 -15.09 4.27 40.83
C ASP B 424 -16.18 3.78 41.78
N ASP B 425 -17.15 4.64 42.03
CA ASP B 425 -18.02 4.48 43.18
C ASP B 425 -19.09 3.41 43.00
N LYS B 426 -19.28 2.94 41.77
CA LYS B 426 -20.25 1.87 41.51
C LYS B 426 -19.53 0.64 40.97
N ALA B 427 -19.95 -0.54 41.41
CA ALA B 427 -19.35 -1.77 40.89
C ALA B 427 -19.83 -1.97 39.45
N PRO B 428 -18.97 -2.50 38.55
CA PRO B 428 -19.49 -2.67 37.19
C PRO B 428 -20.39 -3.89 37.08
N ALA B 429 -20.99 -4.07 35.90
CA ALA B 429 -21.90 -5.16 35.70
C ALA B 429 -21.08 -6.41 35.46
N SER B 430 -21.63 -7.55 35.89
CA SER B 430 -20.97 -8.84 35.66
C SER B 430 -20.90 -9.17 34.19
N THR B 431 -19.95 -10.01 33.82
CA THR B 431 -19.91 -10.54 32.46
C THR B 431 -19.69 -12.06 32.47
N PRO B 432 -20.33 -12.79 31.55
CA PRO B 432 -20.07 -14.24 31.51
C PRO B 432 -18.61 -14.51 31.19
N SER B 433 -18.14 -15.71 31.52
CA SER B 433 -16.79 -16.08 31.14
C SER B 433 -16.77 -16.41 29.66
N VAL B 434 -17.80 -17.12 29.21
CA VAL B 434 -17.94 -17.48 27.81
C VAL B 434 -19.16 -16.82 27.23
N TYR B 435 -18.97 -16.04 26.18
CA TYR B 435 -20.09 -15.36 25.56
C TYR B 435 -20.89 -16.24 24.62
N ARG B 436 -20.20 -16.95 23.71
CA ARG B 436 -20.91 -17.89 22.86
C ARG B 436 -20.05 -18.98 22.24
N ARG B 437 -20.76 -20.00 21.77
CA ARG B 437 -20.17 -21.14 21.10
C ARG B 437 -20.53 -21.05 19.62
N ILE B 438 -19.55 -21.21 18.74
CA ILE B 438 -19.80 -21.15 17.30
C ILE B 438 -19.36 -22.44 16.62
N THR B 439 -20.31 -23.10 15.93
CA THR B 439 -20.11 -24.41 15.27
C THR B 439 -20.51 -24.33 13.78
N GLU B 440 -20.53 -25.48 13.09
CA GLU B 440 -21.11 -25.58 11.75
C GLU B 440 -20.58 -24.50 10.80
C1 PGE C . 28.35 24.92 -45.98
O1 PGE C . 28.68 23.72 -45.31
C2 PGE C . 28.30 26.05 -44.96
O2 PGE C . 28.70 25.60 -43.66
C3 PGE C . 28.04 26.29 -42.63
C4 PGE C . 26.64 26.67 -43.07
O4 PGE C . 26.49 24.92 -40.64
C6 PGE C . 25.12 24.79 -41.00
C5 PGE C . 24.73 25.97 -41.87
O3 PGE C . 25.80 26.88 -41.95
C1 PGE D . 8.87 20.85 -46.12
O1 PGE D . 9.60 20.80 -44.91
C2 PGE D . 7.49 21.43 -45.90
O2 PGE D . 7.15 21.13 -44.58
C3 PGE D . 5.76 20.93 -44.55
C4 PGE D . 5.47 19.45 -44.42
O4 PGE D . 7.78 19.38 -41.39
C6 PGE D . 6.60 20.08 -41.10
C5 PGE D . 5.80 20.30 -42.34
O3 PGE D . 5.83 19.12 -43.12
CL CL E . -10.31 -23.79 44.35
C1 PEG F . 2.94 -40.87 6.79
O1 PEG F . 2.64 -40.26 8.06
C2 PEG F . 3.89 -39.93 6.07
O2 PEG F . 3.62 -40.01 4.67
C3 PEG F . 4.73 -39.69 3.80
C4 PEG F . 4.20 -39.18 2.46
O4 PEG F . 5.21 -39.35 1.46
C1 PGE G . 19.28 -19.33 42.44
O1 PGE G . 19.81 -18.01 42.42
C2 PGE G . 17.82 -19.27 42.07
O2 PGE G . 17.50 -20.41 41.31
C3 PGE G . 16.29 -21.03 41.69
C4 PGE G . 16.24 -21.07 43.20
O4 PGE G . 15.02 -19.05 45.64
C6 PGE G . 14.17 -20.17 45.43
C5 PGE G . 14.08 -20.44 43.94
O3 PGE G . 14.97 -21.50 43.63
#